data_6UY5
#
_entry.id   6UY5
#
_cell.length_a   60.540
_cell.length_b   115.740
_cell.length_c   63.660
_cell.angle_alpha   90.000
_cell.angle_beta   114.470
_cell.angle_gamma   90.000
#
_symmetry.space_group_name_H-M   'P 1 21 1'
#
loop_
_entity.id
_entity.type
_entity.pdbx_description
1 polymer 'Cysteine desulfurase'
2 non-polymer "PYRIDOXAL-5'-PHOSPHATE"
3 water water
#
_entity_poly.entity_id   1
_entity_poly.type   'polypeptide(L)'
_entity_poly.pdbx_seq_one_letter_code
;MIFSVDKVRADFPVLSREVNGLPLAYLDSAASAQKPSQVIDAEAEFYRHGYAAVHRGIHTLSAQATEKMENVRKRASLFI
NARSAEELVFVRGTTEGINLVANSWGNSNVRAGDNIIISQMEHHANIVPWQMLCARVGAELRVIPLNPDGTLQLETLPTL
FDEKTRLLAITHVSNVLGTENPLAEMITLAHQHGAKVLVDGAQAVMHHPVDVQALDCDFYVFSGHKLYGPTGIGILYVKE
ALLQEMPPWEGGGSMIATVSLSEGTTWTKAPWRFEAGTPNTGGIIGLGAALEYVSALGLNNIAEYEQNLMHYALSQLESV
PDLTLYGPQNRLGVIAFNLGKHHAYDVGSFLDNYGIAVRTGHH(CSS)AMPLMAYYNVPAMCRASLAMYNTHEEVDRLVT
GLQRIHRLLG
;
_entity_poly.pdbx_strand_id   A,B
#
loop_
_chem_comp.id
_chem_comp.type
_chem_comp.name
_chem_comp.formula
PLP non-polymer PYRIDOXAL-5'-PHOSPHATE 'C8 H10 N O6 P'
#
# COMPACT_ATOMS: atom_id res chain seq x y z
N ILE A 2 8.50 -4.47 -36.45
CA ILE A 2 7.72 -5.08 -35.37
C ILE A 2 8.32 -4.71 -34.02
N PHE A 3 8.64 -5.73 -33.23
CA PHE A 3 9.25 -5.52 -31.92
C PHE A 3 10.74 -5.26 -32.07
N SER A 4 11.23 -4.19 -31.45
CA SER A 4 12.64 -3.82 -31.49
C SER A 4 13.17 -3.76 -30.07
N VAL A 5 13.97 -4.74 -29.68
CA VAL A 5 14.50 -4.74 -28.32
C VAL A 5 15.41 -3.55 -28.10
N ASP A 6 16.05 -3.06 -29.15
CA ASP A 6 16.90 -1.88 -29.01
C ASP A 6 16.06 -0.65 -28.65
N LYS A 7 14.91 -0.49 -29.30
CA LYS A 7 14.06 0.66 -28.97
C LYS A 7 13.40 0.49 -27.61
N VAL A 8 13.08 -0.74 -27.23
CA VAL A 8 12.51 -0.97 -25.90
C VAL A 8 13.53 -0.63 -24.81
N ARG A 9 14.75 -1.13 -24.96
CA ARG A 9 15.78 -0.88 -23.94
C ARG A 9 16.04 0.59 -23.75
N ALA A 10 15.91 1.40 -24.80
CA ALA A 10 16.16 2.84 -24.67
C ALA A 10 15.17 3.51 -23.73
N ASP A 11 14.05 2.86 -23.42
CA ASP A 11 13.05 3.40 -22.52
C ASP A 11 13.38 3.17 -21.04
N PHE A 12 14.36 2.32 -20.73
CA PHE A 12 14.60 1.87 -19.36
C PHE A 12 15.92 2.43 -18.86
N PRO A 13 15.92 3.54 -18.13
CA PRO A 13 17.20 4.18 -17.76
C PRO A 13 18.09 3.30 -16.89
N VAL A 14 17.52 2.36 -16.15
CA VAL A 14 18.34 1.54 -15.24
C VAL A 14 19.25 0.58 -16.00
N LEU A 15 18.94 0.31 -17.27
CA LEU A 15 19.74 -0.66 -18.00
C LEU A 15 21.14 -0.15 -18.31
N SER A 16 21.43 1.12 -18.08
N SER A 16 21.42 1.13 -18.08
CA SER A 16 22.79 1.65 -18.21
CA SER A 16 22.76 1.68 -18.21
C SER A 16 23.55 1.62 -16.89
C SER A 16 23.58 1.53 -16.93
N ARG A 17 22.99 1.02 -15.85
CA ARG A 17 23.71 0.89 -14.58
C ARG A 17 24.93 -0.02 -14.71
N GLU A 18 25.97 0.30 -13.95
CA GLU A 18 27.07 -0.60 -13.72
C GLU A 18 26.96 -1.20 -12.32
N VAL A 19 27.25 -2.50 -12.21
CA VAL A 19 27.35 -3.18 -10.92
C VAL A 19 28.70 -3.87 -10.86
N ASN A 20 29.42 -3.67 -9.76
CA ASN A 20 30.76 -4.24 -9.58
C ASN A 20 31.67 -3.85 -10.75
N GLY A 21 31.47 -2.64 -11.27
CA GLY A 21 32.27 -2.12 -12.36
C GLY A 21 31.96 -2.68 -13.73
N LEU A 22 30.87 -3.44 -13.87
CA LEU A 22 30.49 -4.05 -15.13
C LEU A 22 29.09 -3.62 -15.54
N PRO A 23 28.79 -3.59 -16.83
CA PRO A 23 27.41 -3.28 -17.25
C PRO A 23 26.44 -4.33 -16.73
N LEU A 24 25.34 -3.85 -16.17
CA LEU A 24 24.35 -4.72 -15.57
C LEU A 24 23.70 -5.62 -16.61
N ALA A 25 23.54 -6.90 -16.25
CA ALA A 25 22.67 -7.83 -16.96
C ALA A 25 21.62 -8.23 -15.92
N TYR A 26 20.45 -7.60 -16.01
CA TYR A 26 19.39 -7.78 -15.01
C TYR A 26 18.50 -8.92 -15.44
N LEU A 27 18.70 -10.10 -14.84
CA LEU A 27 17.92 -11.29 -15.13
C LEU A 27 17.04 -11.69 -13.95
N ASP A 28 16.45 -10.70 -13.29
CA ASP A 28 15.60 -10.93 -12.11
C ASP A 28 14.27 -10.19 -12.20
N SER A 29 13.72 -10.04 -13.41
CA SER A 29 12.44 -9.35 -13.57
C SER A 29 11.29 -10.11 -12.90
N ALA A 30 11.42 -11.44 -12.74
CA ALA A 30 10.38 -12.19 -12.05
C ALA A 30 10.23 -11.76 -10.60
N ALA A 31 11.32 -11.32 -9.96
CA ALA A 31 11.21 -10.77 -8.62
C ALA A 31 10.57 -9.39 -8.65
N SER A 32 11.04 -8.53 -9.55
CA SER A 32 10.40 -7.25 -9.82
C SER A 32 10.96 -6.70 -11.12
N ALA A 33 10.11 -6.05 -11.89
CA ALA A 33 10.53 -5.57 -13.21
C ALA A 33 11.09 -4.16 -13.13
N GLN A 34 12.02 -3.88 -14.03
CA GLN A 34 12.43 -2.49 -14.21
C GLN A 34 11.28 -1.68 -14.85
N LYS A 35 11.38 -0.36 -14.74
CA LYS A 35 10.30 0.53 -15.15
C LYS A 35 10.76 1.43 -16.28
N PRO A 36 9.96 1.59 -17.33
CA PRO A 36 10.33 2.53 -18.40
C PRO A 36 10.09 3.97 -17.97
N SER A 37 10.76 4.88 -18.68
CA SER A 37 10.63 6.30 -18.39
C SER A 37 9.17 6.76 -18.45
N GLN A 38 8.38 6.18 -19.34
CA GLN A 38 6.97 6.56 -19.46
C GLN A 38 6.21 6.32 -18.17
N VAL A 39 6.55 5.26 -17.44
CA VAL A 39 5.89 4.96 -16.17
C VAL A 39 6.41 5.87 -15.07
N ILE A 40 7.73 5.99 -14.95
CA ILE A 40 8.33 6.84 -13.93
C ILE A 40 7.84 8.28 -14.08
N ASP A 41 7.80 8.78 -15.32
CA ASP A 41 7.45 10.17 -15.56
C ASP A 41 5.96 10.42 -15.39
N ALA A 42 5.11 9.41 -15.65
CA ALA A 42 3.69 9.59 -15.46
C ALA A 42 3.37 9.83 -13.99
N GLU A 43 4.00 9.04 -13.11
CA GLU A 43 3.79 9.24 -11.68
C GLU A 43 4.35 10.58 -11.22
N ALA A 44 5.56 10.93 -11.68
CA ALA A 44 6.16 12.20 -11.29
C ALA A 44 5.32 13.39 -11.77
N GLU A 45 4.81 13.32 -13.01
CA GLU A 45 4.03 14.44 -13.55
C GLU A 45 2.74 14.62 -12.78
N PHE A 46 2.12 13.52 -12.32
CA PHE A 46 0.95 13.62 -11.47
C PHE A 46 1.28 14.37 -10.18
N TYR A 47 2.40 14.00 -9.52
CA TYR A 47 2.80 14.71 -8.31
C TYR A 47 3.16 16.17 -8.59
N ARG A 48 3.74 16.45 -9.76
CA ARG A 48 4.16 17.81 -10.06
C ARG A 48 3.01 18.74 -10.43
N HIS A 49 1.93 18.20 -11.01
CA HIS A 49 0.94 19.08 -11.62
C HIS A 49 -0.51 18.75 -11.31
N GLY A 50 -0.83 17.57 -10.79
CA GLY A 50 -2.22 17.22 -10.64
C GLY A 50 -2.59 16.63 -9.29
N TYR A 51 -1.72 16.76 -8.29
CA TYR A 51 -1.92 16.04 -7.05
C TYR A 51 -3.00 16.67 -6.18
N ALA A 52 -3.85 15.80 -5.61
CA ALA A 52 -4.81 16.17 -4.58
C ALA A 52 -5.32 14.87 -3.94
N ALA A 53 -6.06 15.03 -2.85
CA ALA A 53 -6.80 13.88 -2.30
C ALA A 53 -7.93 13.50 -3.25
N VAL A 54 -8.41 12.26 -3.14
CA VAL A 54 -9.35 11.71 -4.10
C VAL A 54 -10.67 11.26 -3.48
N HIS A 55 -10.89 11.55 -2.20
CA HIS A 55 -12.08 11.00 -1.54
C HIS A 55 -13.21 12.03 -1.60
N ARG A 56 -13.95 12.00 -2.71
CA ARG A 56 -15.17 12.79 -2.88
C ARG A 56 -14.92 14.29 -2.67
N GLY A 57 -13.75 14.76 -3.11
CA GLY A 57 -13.43 16.17 -2.96
C GLY A 57 -14.17 17.01 -3.98
N ILE A 58 -14.67 18.15 -3.51
CA ILE A 58 -15.47 19.00 -4.38
C ILE A 58 -14.57 19.82 -5.31
N HIS A 59 -13.36 20.18 -4.88
CA HIS A 59 -12.61 21.15 -5.66
C HIS A 59 -11.97 20.47 -6.88
N THR A 60 -11.56 21.32 -7.83
CA THR A 60 -11.23 20.85 -9.18
C THR A 60 -10.08 19.86 -9.16
N LEU A 61 -9.00 20.16 -8.43
CA LEU A 61 -7.86 19.23 -8.41
C LEU A 61 -8.28 17.87 -7.89
N SER A 62 -9.13 17.83 -6.87
CA SER A 62 -9.53 16.54 -6.31
C SER A 62 -10.47 15.80 -7.25
N ALA A 63 -11.39 16.51 -7.89
CA ALA A 63 -12.29 15.88 -8.85
C ALA A 63 -11.52 15.28 -10.02
N GLN A 64 -10.52 16.01 -10.52
CA GLN A 64 -9.74 15.52 -11.65
C GLN A 64 -8.88 14.33 -11.26
N ALA A 65 -8.36 14.32 -10.03
CA ALA A 65 -7.56 13.18 -9.57
C ALA A 65 -8.44 11.94 -9.39
N THR A 66 -9.64 12.12 -8.85
CA THR A 66 -10.59 11.02 -8.75
C THR A 66 -10.89 10.43 -10.12
N GLU A 67 -11.04 11.29 -11.13
CA GLU A 67 -11.30 10.80 -12.49
C GLU A 67 -10.12 10.02 -13.04
N LYS A 68 -8.89 10.51 -12.79
CA LYS A 68 -7.69 9.80 -13.23
C LYS A 68 -7.63 8.40 -12.65
N MET A 69 -7.94 8.26 -11.37
CA MET A 69 -7.95 6.95 -10.71
C MET A 69 -9.00 6.04 -11.32
N GLU A 70 -10.22 6.55 -11.53
CA GLU A 70 -11.25 5.69 -12.08
C GLU A 70 -10.99 5.33 -13.54
N ASN A 71 -10.29 6.20 -14.28
CA ASN A 71 -9.92 5.85 -15.64
C ASN A 71 -8.87 4.72 -15.67
N VAL A 72 -7.97 4.68 -14.67
CA VAL A 72 -7.04 3.56 -14.58
C VAL A 72 -7.79 2.27 -14.28
N ARG A 73 -8.79 2.32 -13.41
CA ARG A 73 -9.58 1.13 -13.14
C ARG A 73 -10.24 0.63 -14.42
N LYS A 74 -10.75 1.54 -15.25
CA LYS A 74 -11.34 1.14 -16.52
C LYS A 74 -10.29 0.56 -17.46
N ARG A 75 -9.12 1.19 -17.52
CA ARG A 75 -8.06 0.69 -18.39
C ARG A 75 -7.61 -0.71 -17.96
N ALA A 76 -7.45 -0.93 -16.65
CA ALA A 76 -7.08 -2.25 -16.17
C ALA A 76 -8.15 -3.28 -16.51
N SER A 77 -9.43 -2.89 -16.45
CA SER A 77 -10.48 -3.86 -16.72
C SER A 77 -10.50 -4.28 -18.19
N LEU A 78 -10.23 -3.34 -19.09
CA LEU A 78 -10.09 -3.70 -20.50
C LEU A 78 -8.84 -4.54 -20.76
N PHE A 79 -7.79 -4.32 -19.97
CA PHE A 79 -6.53 -5.05 -20.15
C PHE A 79 -6.72 -6.55 -19.94
N ILE A 80 -7.50 -6.94 -18.93
CA ILE A 80 -7.79 -8.34 -18.68
C ILE A 80 -9.15 -8.75 -19.20
N ASN A 81 -9.80 -7.89 -19.98
CA ASN A 81 -11.12 -8.16 -20.59
C ASN A 81 -12.16 -8.55 -19.54
N ALA A 82 -12.18 -7.84 -18.42
CA ALA A 82 -13.30 -7.94 -17.49
C ALA A 82 -14.53 -7.31 -18.11
N ARG A 83 -15.70 -7.78 -17.68
CA ARG A 83 -16.94 -7.26 -18.25
C ARG A 83 -17.22 -5.84 -17.78
N SER A 84 -16.74 -5.47 -16.59
CA SER A 84 -17.06 -4.18 -16.00
C SER A 84 -15.87 -3.66 -15.21
N ALA A 85 -15.67 -2.33 -15.25
CA ALA A 85 -14.61 -1.73 -14.44
C ALA A 85 -14.87 -1.96 -12.95
N GLU A 86 -16.12 -2.08 -12.53
CA GLU A 86 -16.44 -2.23 -11.12
C GLU A 86 -16.16 -3.62 -10.58
N GLU A 87 -15.67 -4.53 -11.42
CA GLU A 87 -15.20 -5.83 -10.97
C GLU A 87 -13.74 -5.82 -10.53
N LEU A 88 -13.08 -4.66 -10.55
CA LEU A 88 -11.67 -4.55 -10.22
C LEU A 88 -11.47 -3.76 -8.94
N VAL A 89 -10.64 -4.30 -8.05
CA VAL A 89 -10.29 -3.71 -6.76
C VAL A 89 -8.80 -3.37 -6.79
N PHE A 90 -8.47 -2.13 -6.42
CA PHE A 90 -7.07 -1.75 -6.21
C PHE A 90 -6.61 -2.32 -4.87
N VAL A 91 -5.62 -3.20 -4.90
CA VAL A 91 -5.05 -3.79 -3.69
C VAL A 91 -3.58 -3.36 -3.60
N ARG A 92 -2.98 -3.63 -2.44
CA ARG A 92 -1.57 -3.27 -2.27
C ARG A 92 -0.64 -4.18 -3.07
N GLY A 93 -1.08 -5.38 -3.40
CA GLY A 93 -0.28 -6.33 -4.14
C GLY A 93 -1.02 -7.66 -4.20
N THR A 94 -0.41 -8.62 -4.90
CA THR A 94 -1.02 -9.94 -5.01
C THR A 94 -1.20 -10.59 -3.64
N THR A 95 -0.19 -10.47 -2.78
CA THR A 95 -0.27 -11.03 -1.42
C THR A 95 -1.52 -10.54 -0.70
N GLU A 96 -1.76 -9.23 -0.73
CA GLU A 96 -2.91 -8.67 -0.04
C GLU A 96 -4.22 -9.04 -0.75
N GLY A 97 -4.21 -9.07 -2.08
CA GLY A 97 -5.42 -9.45 -2.80
C GLY A 97 -5.89 -10.85 -2.48
N ILE A 98 -4.95 -11.80 -2.39
CA ILE A 98 -5.33 -13.18 -2.06
C ILE A 98 -5.87 -13.25 -0.64
N ASN A 99 -5.22 -12.55 0.30
CA ASN A 99 -5.67 -12.57 1.68
C ASN A 99 -7.04 -11.93 1.81
N LEU A 100 -7.32 -10.89 1.01
CA LEU A 100 -8.65 -10.29 1.00
C LEU A 100 -9.72 -11.30 0.62
N VAL A 101 -9.48 -12.07 -0.44
CA VAL A 101 -10.45 -13.09 -0.83
C VAL A 101 -10.59 -14.12 0.29
N ALA A 102 -9.47 -14.55 0.86
CA ALA A 102 -9.50 -15.59 1.89
C ALA A 102 -10.30 -15.15 3.11
N ASN A 103 -10.27 -13.86 3.44
CA ASN A 103 -10.99 -13.41 4.62
C ASN A 103 -12.43 -13.01 4.30
N SER A 104 -12.63 -12.14 3.32
CA SER A 104 -13.99 -11.70 3.02
C SER A 104 -14.82 -12.84 2.43
N TRP A 105 -14.37 -13.41 1.31
CA TRP A 105 -15.14 -14.50 0.70
C TRP A 105 -14.96 -15.79 1.50
N GLY A 106 -13.72 -16.09 1.92
CA GLY A 106 -13.46 -17.37 2.55
C GLY A 106 -14.22 -17.60 3.84
N ASN A 107 -14.18 -16.62 4.75
CA ASN A 107 -14.85 -16.79 6.03
C ASN A 107 -16.35 -16.95 5.88
N SER A 108 -16.93 -16.48 4.77
CA SER A 108 -18.37 -16.57 4.57
C SER A 108 -18.79 -17.78 3.77
N ASN A 109 -17.85 -18.53 3.16
CA ASN A 109 -18.19 -19.61 2.26
C ASN A 109 -17.49 -20.93 2.53
N VAL A 110 -16.51 -20.97 3.43
CA VAL A 110 -15.81 -22.20 3.76
C VAL A 110 -16.09 -22.51 5.23
N ARG A 111 -16.63 -23.70 5.50
CA ARG A 111 -17.08 -24.07 6.82
C ARG A 111 -16.46 -25.40 7.22
N ALA A 112 -16.71 -25.81 8.46
CA ALA A 112 -16.18 -27.06 8.97
C ALA A 112 -16.59 -28.23 8.07
N GLY A 113 -15.62 -29.07 7.74
CA GLY A 113 -15.87 -30.21 6.88
C GLY A 113 -15.65 -29.97 5.40
N ASP A 114 -15.44 -28.72 4.99
CA ASP A 114 -15.18 -28.41 3.59
C ASP A 114 -13.70 -28.62 3.27
N ASN A 115 -13.34 -28.47 2.00
CA ASN A 115 -11.94 -28.51 1.62
C ASN A 115 -11.63 -27.44 0.59
N ILE A 116 -10.34 -27.07 0.53
CA ILE A 116 -9.79 -26.15 -0.45
C ILE A 116 -8.64 -26.87 -1.15
N ILE A 117 -8.49 -26.65 -2.45
CA ILE A 117 -7.42 -27.26 -3.24
C ILE A 117 -6.42 -26.18 -3.66
N ILE A 118 -5.14 -26.44 -3.39
CA ILE A 118 -4.03 -25.66 -3.95
C ILE A 118 -3.15 -26.62 -4.73
N SER A 119 -2.00 -26.15 -5.18
CA SER A 119 -1.03 -26.99 -5.88
C SER A 119 0.32 -26.94 -5.17
N GLN A 120 1.15 -27.94 -5.44
CA GLN A 120 2.46 -28.03 -4.83
C GLN A 120 3.42 -26.95 -5.32
N MET A 121 3.10 -26.26 -6.41
CA MET A 121 3.99 -25.24 -6.97
C MET A 121 3.62 -23.82 -6.56
N GLU A 122 2.68 -23.63 -5.64
CA GLU A 122 2.22 -22.28 -5.34
C GLU A 122 3.29 -21.47 -4.60
N HIS A 123 3.31 -20.18 -4.92
CA HIS A 123 3.96 -19.17 -4.09
C HIS A 123 3.35 -19.21 -2.69
N HIS A 124 4.17 -18.89 -1.68
CA HIS A 124 3.67 -18.86 -0.30
C HIS A 124 2.43 -17.98 -0.16
N ALA A 125 2.35 -16.89 -0.94
CA ALA A 125 1.20 -15.98 -0.86
C ALA A 125 -0.11 -16.65 -1.26
N ASN A 126 -0.04 -17.75 -2.00
CA ASN A 126 -1.23 -18.51 -2.38
C ASN A 126 -1.29 -19.86 -1.66
N ILE A 127 -0.60 -19.96 -0.52
CA ILE A 127 -0.70 -21.11 0.37
C ILE A 127 -1.16 -20.70 1.77
N VAL A 128 -0.45 -19.74 2.36
CA VAL A 128 -0.70 -19.42 3.78
C VAL A 128 -2.11 -18.92 4.03
N PRO A 129 -2.70 -18.03 3.22
CA PRO A 129 -4.08 -17.61 3.52
C PRO A 129 -5.06 -18.75 3.57
N TRP A 130 -4.84 -19.78 2.75
CA TRP A 130 -5.71 -20.94 2.75
C TRP A 130 -5.42 -21.89 3.89
N GLN A 131 -4.15 -22.01 4.29
CA GLN A 131 -3.83 -22.74 5.51
C GLN A 131 -4.51 -22.11 6.72
N MET A 132 -4.41 -20.77 6.83
CA MET A 132 -5.01 -20.05 7.93
C MET A 132 -6.53 -20.21 7.93
N LEU A 133 -7.15 -20.03 6.76
CA LEU A 133 -8.60 -20.17 6.65
C LEU A 133 -9.05 -21.56 7.04
N CYS A 134 -8.38 -22.60 6.54
CA CYS A 134 -8.72 -23.96 6.92
C CYS A 134 -8.53 -24.19 8.42
N ALA A 135 -7.68 -23.39 9.07
CA ALA A 135 -7.54 -23.47 10.52
C ALA A 135 -8.63 -22.70 11.25
N ARG A 136 -9.09 -21.58 10.68
CA ARG A 136 -10.15 -20.79 11.34
C ARG A 136 -11.47 -21.55 11.39
N VAL A 137 -11.81 -22.27 10.32
CA VAL A 137 -13.14 -22.84 10.18
C VAL A 137 -13.18 -24.35 10.33
N GLY A 138 -12.05 -25.03 10.28
CA GLY A 138 -12.05 -26.48 10.40
C GLY A 138 -12.24 -27.19 9.07
N ALA A 139 -11.59 -26.67 8.03
CA ALA A 139 -11.61 -27.26 6.70
C ALA A 139 -10.26 -27.88 6.39
N GLU A 140 -10.21 -28.63 5.28
CA GLU A 140 -9.05 -29.41 4.90
C GLU A 140 -8.41 -28.81 3.66
N LEU A 141 -7.08 -28.68 3.66
CA LEU A 141 -6.34 -28.16 2.53
C LEU A 141 -5.75 -29.33 1.74
N ARG A 142 -6.19 -29.48 0.48
CA ARG A 142 -5.70 -30.52 -0.41
C ARG A 142 -4.74 -29.91 -1.43
N VAL A 143 -3.85 -30.75 -1.97
CA VAL A 143 -2.70 -30.28 -2.75
C VAL A 143 -2.58 -31.10 -4.02
N ILE A 144 -2.62 -30.43 -5.17
CA ILE A 144 -2.31 -31.05 -6.45
C ILE A 144 -0.81 -31.32 -6.52
N PRO A 145 -0.37 -32.55 -6.73
CA PRO A 145 1.07 -32.83 -6.76
C PRO A 145 1.70 -32.52 -8.10
N LEU A 146 3.04 -32.41 -8.08
CA LEU A 146 3.84 -32.15 -9.26
C LEU A 146 4.30 -33.43 -9.94
N ASN A 147 4.61 -33.32 -11.24
CA ASN A 147 5.38 -34.28 -12.02
C ASN A 147 6.85 -33.86 -12.06
N PRO A 148 7.76 -34.79 -12.33
CA PRO A 148 9.19 -34.41 -12.42
C PRO A 148 9.48 -33.29 -13.40
N ASP A 149 8.75 -33.21 -14.51
CA ASP A 149 8.98 -32.15 -15.49
C ASP A 149 8.43 -30.79 -15.06
N GLY A 150 7.92 -30.65 -13.83
CA GLY A 150 7.46 -29.36 -13.36
C GLY A 150 6.03 -29.01 -13.71
N THR A 151 5.27 -29.93 -14.28
CA THR A 151 3.85 -29.74 -14.52
C THR A 151 3.06 -30.35 -13.37
N LEU A 152 1.79 -29.96 -13.29
CA LEU A 152 0.89 -30.54 -12.31
C LEU A 152 0.29 -31.84 -12.84
N GLN A 153 -0.05 -32.73 -11.91
CA GLN A 153 -0.71 -33.99 -12.24
C GLN A 153 -2.19 -33.72 -12.40
N LEU A 154 -2.59 -33.34 -13.62
CA LEU A 154 -3.98 -33.00 -13.86
C LEU A 154 -4.91 -34.15 -13.58
N GLU A 155 -4.43 -35.39 -13.76
CA GLU A 155 -5.28 -36.56 -13.59
C GLU A 155 -5.64 -36.82 -12.13
N THR A 156 -4.99 -36.15 -11.17
CA THR A 156 -5.39 -36.24 -9.77
C THR A 156 -6.57 -35.36 -9.43
N LEU A 157 -6.93 -34.40 -10.30
CA LEU A 157 -7.98 -33.45 -9.95
C LEU A 157 -9.36 -34.07 -9.73
N PRO A 158 -9.82 -35.05 -10.52
CA PRO A 158 -11.12 -35.66 -10.22
C PRO A 158 -11.21 -36.27 -8.82
N THR A 159 -10.11 -36.83 -8.32
CA THR A 159 -10.10 -37.40 -6.98
C THR A 159 -10.07 -36.33 -5.90
N LEU A 160 -9.41 -35.20 -6.16
CA LEU A 160 -9.30 -34.16 -5.14
C LEU A 160 -10.58 -33.33 -5.00
N PHE A 161 -11.34 -33.17 -6.09
CA PHE A 161 -12.60 -32.45 -6.03
C PHE A 161 -13.73 -33.35 -5.52
N ASP A 162 -14.56 -32.80 -4.63
CA ASP A 162 -15.81 -33.47 -4.28
C ASP A 162 -16.86 -32.39 -3.97
N GLU A 163 -18.01 -32.83 -3.45
CA GLU A 163 -19.09 -31.89 -3.20
C GLU A 163 -18.80 -30.95 -2.05
N LYS A 164 -17.71 -31.16 -1.31
CA LYS A 164 -17.31 -30.29 -0.22
C LYS A 164 -16.20 -29.32 -0.61
N THR A 165 -15.70 -29.40 -1.85
CA THR A 165 -14.64 -28.50 -2.30
C THR A 165 -15.25 -27.15 -2.64
N ARG A 166 -14.78 -26.11 -1.95
CA ARG A 166 -15.35 -24.77 -2.13
C ARG A 166 -14.51 -23.89 -3.04
N LEU A 167 -13.21 -24.16 -3.14
CA LEU A 167 -12.33 -23.27 -3.88
C LEU A 167 -11.10 -24.02 -4.36
N LEU A 168 -10.70 -23.73 -5.59
CA LEU A 168 -9.39 -24.06 -6.13
C LEU A 168 -8.58 -22.77 -6.23
N ALA A 169 -7.38 -22.77 -5.64
CA ALA A 169 -6.47 -21.63 -5.71
C ALA A 169 -5.23 -22.09 -6.46
N ILE A 170 -4.95 -21.45 -7.60
CA ILE A 170 -4.03 -22.05 -8.56
C ILE A 170 -3.23 -20.96 -9.24
N THR A 171 -1.95 -21.22 -9.47
CA THR A 171 -1.12 -20.24 -10.16
C THR A 171 -1.32 -20.36 -11.66
N HIS A 172 -1.35 -19.21 -12.34
CA HIS A 172 -1.41 -19.19 -13.79
C HIS A 172 -0.08 -19.63 -14.37
N VAL A 173 1.00 -18.99 -13.93
CA VAL A 173 2.36 -19.29 -14.36
C VAL A 173 3.23 -19.38 -13.11
N SER A 174 3.99 -20.47 -13.00
CA SER A 174 4.88 -20.65 -11.86
C SER A 174 5.99 -19.61 -11.87
N ASN A 175 6.25 -19.02 -10.69
CA ASN A 175 7.34 -18.05 -10.54
C ASN A 175 8.72 -18.69 -10.47
N VAL A 176 8.81 -20.01 -10.32
CA VAL A 176 10.08 -20.73 -10.33
C VAL A 176 10.28 -21.49 -11.63
N LEU A 177 9.29 -22.29 -12.01
CA LEU A 177 9.43 -23.24 -13.11
C LEU A 177 9.02 -22.67 -14.46
N GLY A 178 8.25 -21.58 -14.48
CA GLY A 178 7.75 -21.08 -15.73
C GLY A 178 6.61 -21.88 -16.33
N THR A 179 6.10 -22.88 -15.60
CA THR A 179 4.99 -23.69 -16.07
C THR A 179 3.74 -22.84 -16.19
N GLU A 180 3.04 -22.96 -17.31
CA GLU A 180 1.71 -22.38 -17.47
C GLU A 180 0.68 -23.48 -17.28
N ASN A 181 -0.14 -23.35 -16.25
CA ASN A 181 -1.09 -24.39 -15.91
C ASN A 181 -2.30 -24.37 -16.85
N PRO A 182 -2.98 -25.53 -17.04
CA PRO A 182 -4.12 -25.64 -17.95
C PRO A 182 -5.42 -25.11 -17.34
N LEU A 183 -5.48 -23.79 -17.19
CA LEU A 183 -6.54 -23.17 -16.41
C LEU A 183 -7.93 -23.47 -16.96
N ALA A 184 -8.10 -23.39 -18.29
CA ALA A 184 -9.43 -23.60 -18.86
C ALA A 184 -9.99 -24.96 -18.48
N GLU A 185 -9.16 -26.01 -18.53
CA GLU A 185 -9.64 -27.34 -18.17
C GLU A 185 -9.88 -27.46 -16.67
N MET A 186 -8.98 -26.89 -15.86
CA MET A 186 -9.16 -26.94 -14.40
C MET A 186 -10.38 -26.17 -13.96
N ILE A 187 -10.66 -25.04 -14.59
CA ILE A 187 -11.82 -24.24 -14.20
C ILE A 187 -13.12 -24.95 -14.59
N THR A 188 -13.15 -25.54 -15.79
CA THR A 188 -14.29 -26.36 -16.19
C THR A 188 -14.60 -27.43 -15.15
N LEU A 189 -13.56 -28.14 -14.69
CA LEU A 189 -13.76 -29.21 -13.73
C LEU A 189 -14.23 -28.66 -12.39
N ALA A 190 -13.62 -27.56 -11.92
CA ALA A 190 -13.99 -27.01 -10.62
C ALA A 190 -15.44 -26.55 -10.60
N HIS A 191 -15.89 -25.91 -11.67
CA HIS A 191 -17.25 -25.36 -11.70
C HIS A 191 -18.29 -26.48 -11.71
N GLN A 192 -17.95 -27.65 -12.25
CA GLN A 192 -18.90 -28.76 -12.24
C GLN A 192 -19.23 -29.23 -10.83
N HIS A 193 -18.29 -29.05 -9.90
CA HIS A 193 -18.49 -29.39 -8.50
C HIS A 193 -19.03 -28.25 -7.67
N GLY A 194 -19.26 -27.09 -8.27
CA GLY A 194 -19.72 -25.93 -7.53
C GLY A 194 -18.64 -25.14 -6.85
N ALA A 195 -17.36 -25.48 -7.05
CA ALA A 195 -16.27 -24.71 -6.48
C ALA A 195 -15.98 -23.46 -7.30
N LYS A 196 -15.45 -22.44 -6.63
CA LYS A 196 -14.90 -21.27 -7.28
C LYS A 196 -13.41 -21.47 -7.52
N VAL A 197 -12.84 -20.63 -8.39
CA VAL A 197 -11.41 -20.70 -8.72
C VAL A 197 -10.81 -19.31 -8.60
N LEU A 198 -9.79 -19.18 -7.76
CA LEU A 198 -8.92 -18.01 -7.72
C LEU A 198 -7.66 -18.31 -8.49
N VAL A 199 -7.25 -17.39 -9.37
CA VAL A 199 -6.05 -17.54 -10.16
C VAL A 199 -5.03 -16.50 -9.72
N ASP A 200 -3.85 -16.98 -9.34
CA ASP A 200 -2.70 -16.13 -9.05
C ASP A 200 -1.99 -15.87 -10.37
N GLY A 201 -2.18 -14.67 -10.91
CA GLY A 201 -1.66 -14.34 -12.22
C GLY A 201 -0.46 -13.40 -12.19
N ALA A 202 0.25 -13.36 -11.07
CA ALA A 202 1.34 -12.40 -10.92
C ALA A 202 2.47 -12.61 -11.93
N GLN A 203 2.64 -13.82 -12.47
CA GLN A 203 3.69 -14.08 -13.44
C GLN A 203 3.15 -14.35 -14.84
N ALA A 204 1.90 -13.97 -15.11
CA ALA A 204 1.30 -14.22 -16.41
C ALA A 204 1.06 -12.96 -17.22
N VAL A 205 0.62 -11.88 -16.57
CA VAL A 205 0.03 -10.73 -17.26
C VAL A 205 1.06 -9.94 -18.05
N MET A 206 2.35 -10.12 -17.79
CA MET A 206 3.36 -9.42 -18.57
C MET A 206 3.83 -10.21 -19.78
N HIS A 207 3.38 -11.45 -19.96
CA HIS A 207 3.95 -12.31 -20.99
C HIS A 207 3.05 -12.51 -22.19
N HIS A 208 1.73 -12.46 -22.02
CA HIS A 208 0.82 -12.64 -23.14
C HIS A 208 -0.56 -12.12 -22.73
N PRO A 209 -1.49 -11.96 -23.68
CA PRO A 209 -2.82 -11.47 -23.31
C PRO A 209 -3.52 -12.39 -22.33
N VAL A 210 -4.28 -11.80 -21.42
CA VAL A 210 -5.07 -12.52 -20.43
C VAL A 210 -6.52 -12.05 -20.56
N ASP A 211 -7.45 -13.00 -20.61
CA ASP A 211 -8.86 -12.74 -20.86
C ASP A 211 -9.66 -13.48 -19.79
N VAL A 212 -10.07 -12.76 -18.74
CA VAL A 212 -10.74 -13.42 -17.62
C VAL A 212 -12.12 -13.91 -17.99
N GLN A 213 -12.76 -13.33 -19.02
CA GLN A 213 -14.04 -13.84 -19.47
C GLN A 213 -13.89 -15.19 -20.16
N ALA A 214 -12.84 -15.34 -20.98
CA ALA A 214 -12.59 -16.62 -21.63
C ALA A 214 -12.17 -17.67 -20.61
N LEU A 215 -11.31 -17.29 -19.65
CA LEU A 215 -10.93 -18.22 -18.58
C LEU A 215 -12.11 -18.60 -17.71
N ASP A 216 -13.05 -17.67 -17.51
CA ASP A 216 -14.20 -17.85 -16.62
C ASP A 216 -13.78 -18.05 -15.16
N CYS A 217 -12.60 -17.54 -14.80
CA CYS A 217 -12.17 -17.59 -13.41
C CYS A 217 -13.02 -16.65 -12.55
N ASP A 218 -13.15 -17.00 -11.27
CA ASP A 218 -13.97 -16.20 -10.38
C ASP A 218 -13.20 -15.09 -9.70
N PHE A 219 -11.92 -15.31 -9.42
CA PHE A 219 -11.00 -14.30 -8.91
C PHE A 219 -9.71 -14.38 -9.72
N TYR A 220 -9.10 -13.23 -9.97
CA TYR A 220 -7.80 -13.15 -10.64
C TYR A 220 -7.02 -12.00 -10.05
N VAL A 221 -5.75 -12.24 -9.68
CA VAL A 221 -4.95 -11.23 -8.99
C VAL A 221 -3.58 -11.11 -9.65
N PHE A 222 -3.06 -9.88 -9.70
CA PHE A 222 -1.69 -9.67 -10.16
C PHE A 222 -1.10 -8.40 -9.52
N SER A 223 0.22 -8.26 -9.71
CA SER A 223 1.02 -7.24 -9.04
C SER A 223 1.54 -6.22 -10.04
N GLY A 224 1.46 -4.95 -9.66
CA GLY A 224 1.91 -3.89 -10.56
C GLY A 224 3.42 -3.88 -10.78
N HIS A 225 4.20 -4.19 -9.74
CA HIS A 225 5.65 -3.98 -9.84
C HIS A 225 6.33 -5.02 -10.72
N LYS A 226 5.70 -6.17 -10.93
CA LYS A 226 6.19 -7.14 -11.90
C LYS A 226 5.73 -6.86 -13.31
N LEU A 227 4.75 -5.97 -13.48
CA LEU A 227 4.25 -5.56 -14.79
C LEU A 227 4.81 -4.20 -15.18
N TYR A 228 6.11 -4.00 -14.91
CA TYR A 228 6.83 -2.78 -15.29
C TYR A 228 6.26 -1.53 -14.63
N GLY A 229 5.59 -1.69 -13.49
CA GLY A 229 4.92 -0.59 -12.83
C GLY A 229 5.42 -0.33 -11.42
N PRO A 230 4.82 0.64 -10.76
CA PRO A 230 5.27 1.03 -9.41
C PRO A 230 5.02 -0.04 -8.37
N THR A 231 5.76 0.07 -7.27
CA THR A 231 5.50 -0.74 -6.10
C THR A 231 4.24 -0.26 -5.39
N GLY A 232 3.74 -1.10 -4.48
CA GLY A 232 2.61 -0.73 -3.65
C GLY A 232 1.26 -0.74 -4.33
N ILE A 233 1.10 -1.46 -5.43
CA ILE A 233 -0.20 -1.48 -6.11
C ILE A 233 -0.34 -2.80 -6.86
N GLY A 234 -1.54 -3.36 -6.82
CA GLY A 234 -1.91 -4.54 -7.57
C GLY A 234 -3.39 -4.48 -7.90
N ILE A 235 -3.86 -5.52 -8.59
CA ILE A 235 -5.24 -5.59 -9.07
C ILE A 235 -5.85 -6.90 -8.62
N LEU A 236 -7.05 -6.84 -8.03
CA LEU A 236 -7.86 -8.02 -7.78
C LEU A 236 -9.13 -7.91 -8.61
N TYR A 237 -9.35 -8.90 -9.49
CA TYR A 237 -10.59 -9.02 -10.24
C TYR A 237 -11.48 -10.04 -9.56
N VAL A 238 -12.77 -9.71 -9.42
CA VAL A 238 -13.79 -10.61 -8.88
C VAL A 238 -15.02 -10.54 -9.76
N LYS A 239 -15.58 -11.69 -10.12
CA LYS A 239 -16.87 -11.73 -10.81
C LYS A 239 -17.89 -10.91 -10.05
N GLU A 240 -18.60 -10.04 -10.78
CA GLU A 240 -19.53 -9.11 -10.15
C GLU A 240 -20.51 -9.82 -9.22
N ALA A 241 -21.03 -10.98 -9.64
CA ALA A 241 -22.03 -11.68 -8.82
C ALA A 241 -21.44 -12.07 -7.46
N LEU A 242 -20.16 -12.45 -7.43
CA LEU A 242 -19.52 -12.75 -6.15
C LEU A 242 -19.12 -11.47 -5.42
N LEU A 243 -18.57 -10.51 -6.15
CA LEU A 243 -18.02 -9.32 -5.50
C LEU A 243 -19.10 -8.55 -4.75
N GLN A 244 -20.29 -8.43 -5.34
CA GLN A 244 -21.35 -7.66 -4.71
C GLN A 244 -21.95 -8.39 -3.51
N GLU A 245 -21.62 -9.66 -3.30
CA GLU A 245 -22.07 -10.38 -2.12
C GLU A 245 -21.02 -10.46 -1.02
N MET A 246 -19.79 -10.04 -1.29
CA MET A 246 -18.71 -10.23 -0.32
C MET A 246 -18.86 -9.26 0.84
N PRO A 247 -18.79 -9.74 2.09
CA PRO A 247 -19.00 -8.86 3.26
C PRO A 247 -17.77 -8.04 3.56
N PRO A 248 -17.92 -6.96 4.33
CA PRO A 248 -16.76 -6.10 4.63
C PRO A 248 -15.67 -6.83 5.39
N TRP A 249 -14.43 -6.38 5.18
CA TRP A 249 -13.24 -6.98 5.79
C TRP A 249 -12.89 -6.26 7.08
N GLU A 250 -12.35 -5.05 6.97
CA GLU A 250 -11.95 -4.27 8.14
C GLU A 250 -12.80 -3.01 8.29
N SER A 254 -12.30 5.03 1.43
CA SER A 254 -13.62 4.91 0.83
C SER A 254 -14.28 3.59 1.21
N MET A 255 -13.84 3.01 2.33
CA MET A 255 -14.38 1.75 2.84
C MET A 255 -15.41 1.93 3.94
N ILE A 256 -15.09 2.73 4.96
CA ILE A 256 -16.10 3.14 5.94
C ILE A 256 -16.98 4.21 5.30
N ALA A 257 -18.30 4.04 5.41
CA ALA A 257 -19.26 5.00 4.88
C ALA A 257 -19.81 5.91 5.97
N THR A 258 -20.44 5.35 6.99
CA THR A 258 -21.00 6.13 8.09
C THR A 258 -20.57 5.51 9.41
N VAL A 259 -20.48 6.35 10.44
CA VAL A 259 -20.12 5.90 11.78
C VAL A 259 -21.00 6.63 12.77
N SER A 260 -21.65 5.87 13.65
CA SER A 260 -22.44 6.40 14.75
C SER A 260 -22.00 5.72 16.03
N LEU A 261 -21.88 6.51 17.10
CA LEU A 261 -21.50 5.94 18.38
C LEU A 261 -22.62 5.11 19.00
N SER A 262 -23.86 5.35 18.60
CA SER A 262 -25.00 4.59 19.09
C SER A 262 -25.55 3.58 18.10
N GLU A 263 -25.41 3.81 16.79
CA GLU A 263 -26.00 2.95 15.78
C GLU A 263 -24.98 2.12 15.01
N GLY A 264 -23.69 2.31 15.25
CA GLY A 264 -22.71 1.45 14.62
C GLY A 264 -22.12 2.02 13.36
N THR A 265 -21.81 1.14 12.39
CA THR A 265 -21.04 1.52 11.23
C THR A 265 -21.60 0.86 9.99
N THR A 266 -21.56 1.58 8.87
CA THR A 266 -21.85 1.04 7.55
C THR A 266 -20.65 1.22 6.65
N TRP A 267 -20.59 0.41 5.59
CA TRP A 267 -19.47 0.37 4.67
C TRP A 267 -19.94 0.72 3.26
N THR A 268 -19.02 1.20 2.45
CA THR A 268 -19.38 1.55 1.08
C THR A 268 -19.56 0.28 0.25
N LYS A 269 -20.10 0.47 -0.95
CA LYS A 269 -20.36 -0.62 -1.89
C LYS A 269 -19.07 -1.04 -2.58
N ALA A 270 -19.01 -2.31 -3.01
CA ALA A 270 -17.85 -2.77 -3.76
C ALA A 270 -17.82 -2.13 -5.14
N PRO A 271 -16.62 -1.98 -5.75
CA PRO A 271 -15.28 -2.39 -5.27
C PRO A 271 -14.67 -1.48 -4.22
N TRP A 272 -15.21 -0.26 -4.06
CA TRP A 272 -14.64 0.68 -3.12
C TRP A 272 -14.69 0.15 -1.69
N ARG A 273 -15.65 -0.72 -1.39
CA ARG A 273 -15.72 -1.37 -0.08
C ARG A 273 -14.39 -1.93 0.38
N PHE A 274 -13.57 -2.41 -0.56
CA PHE A 274 -12.34 -3.12 -0.20
C PHE A 274 -11.10 -2.28 -0.41
N GLU A 275 -11.27 -0.96 -0.54
CA GLU A 275 -10.17 -0.01 -0.69
C GLU A 275 -10.23 0.95 0.49
N ALA A 276 -9.74 0.49 1.64
CA ALA A 276 -9.79 1.29 2.85
C ALA A 276 -8.72 2.37 2.85
N GLY A 277 -8.95 3.40 3.65
CA GLY A 277 -7.97 4.45 3.79
C GLY A 277 -7.80 5.28 2.53
N THR A 278 -6.62 5.83 2.36
CA THR A 278 -6.31 6.66 1.21
C THR A 278 -5.68 5.82 0.12
N PRO A 279 -6.19 5.89 -1.12
CA PRO A 279 -5.57 5.12 -2.21
C PRO A 279 -4.13 5.53 -2.45
N ASN A 280 -3.36 4.60 -3.00
CA ASN A 280 -2.01 4.89 -3.48
C ASN A 280 -2.15 5.48 -4.88
N THR A 281 -2.58 6.75 -4.93
CA THR A 281 -2.88 7.36 -6.22
C THR A 281 -1.64 7.47 -7.09
N GLY A 282 -0.48 7.75 -6.49
CA GLY A 282 0.74 7.78 -7.27
C GLY A 282 1.01 6.46 -7.98
N GLY A 283 0.92 5.35 -7.23
CA GLY A 283 1.10 4.05 -7.83
C GLY A 283 0.03 3.70 -8.85
N ILE A 284 -1.22 4.13 -8.61
CA ILE A 284 -2.28 3.88 -9.56
C ILE A 284 -2.00 4.58 -10.89
N ILE A 285 -1.57 5.85 -10.83
CA ILE A 285 -1.25 6.57 -12.06
C ILE A 285 -0.11 5.88 -12.79
N GLY A 286 0.94 5.48 -12.05
CA GLY A 286 2.04 4.76 -12.69
C GLY A 286 1.61 3.43 -13.27
N LEU A 287 0.73 2.71 -12.57
CA LEU A 287 0.24 1.44 -13.09
C LEU A 287 -0.53 1.62 -14.39
N GLY A 288 -1.38 2.66 -14.46
CA GLY A 288 -2.06 2.96 -15.71
C GLY A 288 -1.09 3.19 -16.86
N ALA A 289 -0.02 3.93 -16.59
CA ALA A 289 0.99 4.15 -17.63
C ALA A 289 1.68 2.86 -18.04
N ALA A 290 1.88 1.93 -17.09
CA ALA A 290 2.50 0.65 -17.44
C ALA A 290 1.61 -0.16 -18.36
N LEU A 291 0.30 -0.16 -18.10
CA LEU A 291 -0.61 -0.87 -18.99
C LEU A 291 -0.60 -0.25 -20.39
N GLU A 292 -0.59 1.09 -20.47
CA GLU A 292 -0.53 1.75 -21.77
C GLU A 292 0.76 1.38 -22.51
N TYR A 293 1.87 1.33 -21.79
CA TYR A 293 3.16 1.05 -22.41
C TYR A 293 3.18 -0.38 -22.96
N VAL A 294 2.76 -1.33 -22.14
CA VAL A 294 2.73 -2.73 -22.55
C VAL A 294 1.78 -2.91 -23.74
N SER A 295 0.58 -2.32 -23.65
CA SER A 295 -0.39 -2.43 -24.74
C SER A 295 0.11 -1.81 -26.03
N ALA A 296 0.88 -0.72 -25.93
CA ALA A 296 1.42 -0.09 -27.13
C ALA A 296 2.45 -0.98 -27.81
N LEU A 297 3.25 -1.70 -27.02
CA LEU A 297 4.18 -2.67 -27.61
C LEU A 297 3.43 -3.85 -28.20
N GLY A 298 2.33 -4.25 -27.57
CA GLY A 298 1.58 -5.42 -28.01
C GLY A 298 1.99 -6.68 -27.30
N LEU A 299 1.07 -7.29 -26.55
CA LEU A 299 1.43 -8.48 -25.78
C LEU A 299 1.78 -9.67 -26.67
N ASN A 300 1.16 -9.78 -27.85
CA ASN A 300 1.56 -10.85 -28.77
C ASN A 300 2.95 -10.62 -29.34
N ASN A 301 3.33 -9.35 -29.55
CA ASN A 301 4.71 -9.05 -29.95
C ASN A 301 5.69 -9.37 -28.83
N ILE A 302 5.36 -8.99 -27.60
CA ILE A 302 6.19 -9.32 -26.44
C ILE A 302 6.35 -10.84 -26.32
N ALA A 303 5.22 -11.57 -26.45
CA ALA A 303 5.26 -13.02 -26.29
C ALA A 303 6.19 -13.67 -27.32
N GLU A 304 6.15 -13.19 -28.56
CA GLU A 304 6.99 -13.77 -29.61
C GLU A 304 8.46 -13.49 -29.35
N TYR A 305 8.81 -12.26 -29.00
CA TYR A 305 10.20 -11.95 -28.69
C TYR A 305 10.70 -12.77 -27.51
N GLU A 306 9.91 -12.81 -26.43
CA GLU A 306 10.35 -13.53 -25.23
C GLU A 306 10.44 -15.02 -25.50
N GLN A 307 9.52 -15.58 -26.30
CA GLN A 307 9.59 -17.01 -26.61
C GLN A 307 10.83 -17.34 -27.42
N ASN A 308 11.19 -16.48 -28.38
CA ASN A 308 12.41 -16.73 -29.17
C ASN A 308 13.65 -16.55 -28.32
N LEU A 309 13.64 -15.58 -27.40
CA LEU A 309 14.76 -15.41 -26.50
C LEU A 309 14.93 -16.63 -25.59
N MET A 310 13.81 -17.17 -25.09
CA MET A 310 13.88 -18.37 -24.26
C MET A 310 14.43 -19.55 -25.04
N HIS A 311 13.98 -19.75 -26.27
CA HIS A 311 14.48 -20.84 -27.09
C HIS A 311 15.99 -20.72 -27.30
N TYR A 312 16.47 -19.50 -27.53
CA TYR A 312 17.91 -19.29 -27.66
C TYR A 312 18.64 -19.67 -26.39
N ALA A 313 18.15 -19.19 -25.24
CA ALA A 313 18.83 -19.47 -23.98
C ALA A 313 18.87 -20.96 -23.69
N LEU A 314 17.75 -21.66 -23.87
CA LEU A 314 17.73 -23.09 -23.58
C LEU A 314 18.68 -23.86 -24.49
N SER A 315 18.75 -23.50 -25.77
CA SER A 315 19.69 -24.17 -26.66
C SER A 315 21.13 -23.87 -26.24
N GLN A 316 21.42 -22.63 -25.83
CA GLN A 316 22.77 -22.28 -25.42
C GLN A 316 23.15 -22.95 -24.10
N LEU A 317 22.19 -23.08 -23.18
CA LEU A 317 22.48 -23.69 -21.89
C LEU A 317 22.84 -25.17 -22.00
N GLU A 318 22.58 -25.81 -23.14
CA GLU A 318 22.97 -27.21 -23.31
C GLU A 318 24.48 -27.41 -23.27
N SER A 319 25.25 -26.36 -23.50
CA SER A 319 26.70 -26.48 -23.51
C SER A 319 27.33 -26.24 -22.14
N VAL A 320 26.53 -26.07 -21.09
CA VAL A 320 27.03 -25.90 -19.73
C VAL A 320 27.10 -27.28 -19.08
N PRO A 321 28.28 -27.78 -18.75
CA PRO A 321 28.38 -29.09 -18.10
C PRO A 321 27.80 -29.07 -16.69
N ASP A 322 27.20 -30.19 -16.30
CA ASP A 322 26.66 -30.43 -14.96
C ASP A 322 25.52 -29.48 -14.59
N LEU A 323 24.87 -28.88 -15.58
CA LEU A 323 23.74 -28.01 -15.31
C LEU A 323 22.48 -28.84 -15.16
N THR A 324 21.71 -28.59 -14.11
CA THR A 324 20.40 -29.20 -13.92
C THR A 324 19.34 -28.12 -14.10
N LEU A 325 18.40 -28.34 -15.00
CA LEU A 325 17.26 -27.45 -15.19
C LEU A 325 16.02 -28.05 -14.55
N TYR A 326 15.14 -27.20 -14.05
CA TYR A 326 13.87 -27.62 -13.48
C TYR A 326 12.73 -26.96 -14.24
N GLY A 327 11.74 -27.74 -14.64
CA GLY A 327 10.59 -27.20 -15.32
C GLY A 327 10.42 -27.74 -16.73
N PRO A 328 9.31 -27.38 -17.38
CA PRO A 328 9.01 -27.94 -18.71
C PRO A 328 9.75 -27.20 -19.81
N GLN A 329 9.83 -27.85 -20.96
CA GLN A 329 10.49 -27.25 -22.12
C GLN A 329 9.79 -25.97 -22.57
N ASN A 330 8.47 -25.91 -22.44
CA ASN A 330 7.72 -24.73 -22.90
C ASN A 330 7.56 -23.67 -21.81
N ARG A 331 8.54 -23.55 -20.91
CA ARG A 331 8.51 -22.58 -19.81
C ARG A 331 8.35 -21.15 -20.32
N LEU A 332 7.68 -20.33 -19.51
CA LEU A 332 7.51 -18.90 -19.75
C LEU A 332 8.34 -18.10 -18.76
N GLY A 333 9.17 -17.19 -19.27
CA GLY A 333 9.74 -16.16 -18.43
C GLY A 333 10.97 -16.50 -17.62
N VAL A 334 11.01 -17.68 -16.99
CA VAL A 334 12.06 -17.97 -16.01
C VAL A 334 12.71 -19.32 -16.30
N ILE A 335 14.00 -19.41 -15.98
CA ILE A 335 14.75 -20.65 -16.05
C ILE A 335 15.28 -20.92 -14.65
N ALA A 336 14.82 -22.01 -14.04
CA ALA A 336 15.32 -22.46 -12.74
C ALA A 336 16.40 -23.51 -12.95
N PHE A 337 17.49 -23.41 -12.18
CA PHE A 337 18.62 -24.30 -12.42
C PHE A 337 19.48 -24.43 -11.16
N ASN A 338 20.28 -25.49 -11.16
CA ASN A 338 21.38 -25.64 -10.23
C ASN A 338 22.61 -26.13 -11.00
N LEU A 339 23.79 -25.80 -10.50
CA LEU A 339 25.04 -26.15 -11.17
C LEU A 339 25.77 -27.18 -10.31
N GLY A 340 25.80 -28.43 -10.78
CA GLY A 340 26.51 -29.48 -10.07
C GLY A 340 26.04 -29.60 -8.64
N LYS A 341 26.99 -29.76 -7.73
CA LYS A 341 26.69 -29.80 -6.30
C LYS A 341 26.96 -28.46 -5.62
N HIS A 342 27.22 -27.41 -6.39
CA HIS A 342 27.53 -26.12 -5.80
C HIS A 342 26.29 -25.49 -5.18
N HIS A 343 26.49 -24.78 -4.08
CA HIS A 343 25.39 -24.06 -3.45
C HIS A 343 24.86 -23.00 -4.40
N ALA A 344 23.53 -22.93 -4.49
CA ALA A 344 22.91 -21.91 -5.34
C ALA A 344 23.42 -20.52 -5.00
N TYR A 345 23.64 -20.22 -3.72
CA TYR A 345 24.06 -18.87 -3.36
C TYR A 345 25.49 -18.59 -3.80
N ASP A 346 26.33 -19.63 -3.90
CA ASP A 346 27.67 -19.42 -4.45
C ASP A 346 27.61 -19.13 -5.94
N VAL A 347 26.81 -19.89 -6.69
CA VAL A 347 26.61 -19.62 -8.10
C VAL A 347 26.08 -18.20 -8.31
N GLY A 348 25.09 -17.81 -7.52
CA GLY A 348 24.57 -16.45 -7.64
C GLY A 348 25.61 -15.39 -7.33
N SER A 349 26.50 -15.66 -6.37
CA SER A 349 27.50 -14.68 -5.99
C SER A 349 28.55 -14.50 -7.08
N PHE A 350 28.94 -15.58 -7.74
CA PHE A 350 29.86 -15.47 -8.87
C PHE A 350 29.21 -14.73 -10.03
N LEU A 351 27.96 -15.07 -10.35
CA LEU A 351 27.27 -14.35 -11.42
C LEU A 351 27.17 -12.86 -11.12
N ASP A 352 26.87 -12.50 -9.87
CA ASP A 352 26.83 -11.09 -9.50
C ASP A 352 28.18 -10.43 -9.69
N ASN A 353 29.26 -11.13 -9.35
CA ASN A 353 30.61 -10.63 -9.59
C ASN A 353 30.88 -10.42 -11.07
N TYR A 354 30.18 -11.13 -11.95
CA TYR A 354 30.28 -10.92 -13.39
C TYR A 354 29.28 -9.90 -13.92
N GLY A 355 28.61 -9.16 -13.03
CA GLY A 355 27.64 -8.17 -13.45
C GLY A 355 26.26 -8.69 -13.75
N ILE A 356 25.96 -9.94 -13.42
CA ILE A 356 24.71 -10.61 -13.77
C ILE A 356 23.86 -10.77 -12.52
N ALA A 357 22.63 -10.26 -12.58
CA ALA A 357 21.70 -10.33 -11.45
C ALA A 357 20.73 -11.49 -11.67
N VAL A 358 20.90 -12.55 -10.88
CA VAL A 358 19.94 -13.65 -10.80
C VAL A 358 19.49 -13.75 -9.34
N ARG A 359 18.43 -14.51 -9.11
CA ARG A 359 17.95 -14.73 -7.76
C ARG A 359 18.20 -16.17 -7.36
N THR A 360 18.63 -16.37 -6.12
CA THR A 360 18.84 -17.70 -5.58
C THR A 360 18.06 -17.81 -4.27
N GLY A 361 17.72 -19.04 -3.92
CA GLY A 361 16.99 -19.27 -2.69
C GLY A 361 15.81 -20.17 -2.96
N HIS A 362 14.81 -20.11 -2.08
CA HIS A 362 13.62 -20.93 -2.25
C HIS A 362 12.50 -20.23 -3.01
N HIS A 363 12.66 -18.95 -3.32
CA HIS A 363 11.75 -18.20 -4.20
C HIS A 363 10.31 -18.18 -3.72
N CSS A 364 10.15 -18.18 -2.40
CA CSS A 364 8.83 -18.22 -1.75
CB CSS A 364 8.00 -16.97 -2.05
SG CSS A 364 8.92 -15.43 -1.78
SD CSS A 364 9.65 -15.43 0.16
C CSS A 364 8.06 -19.44 -2.22
O CSS A 364 6.88 -19.37 -2.35
N ALA A 365 8.76 -20.54 -2.47
CA ALA A 365 8.10 -21.78 -2.88
C ALA A 365 8.80 -22.97 -2.25
N MET A 366 8.85 -22.97 -0.92
CA MET A 366 9.51 -24.07 -0.21
C MET A 366 8.90 -25.44 -0.51
N PRO A 367 7.57 -25.62 -0.62
CA PRO A 367 7.08 -26.95 -0.97
C PRO A 367 7.55 -27.43 -2.34
N LEU A 368 7.73 -26.51 -3.30
CA LEU A 368 8.30 -26.86 -4.59
C LEU A 368 9.74 -27.34 -4.43
N MET A 369 10.54 -26.61 -3.65
CA MET A 369 11.91 -27.04 -3.41
C MET A 369 11.93 -28.42 -2.75
N ALA A 370 11.03 -28.64 -1.80
CA ALA A 370 10.95 -29.94 -1.13
C ALA A 370 10.66 -31.06 -2.13
N TYR A 371 9.76 -30.80 -3.09
CA TYR A 371 9.45 -31.81 -4.09
C TYR A 371 10.70 -32.22 -4.88
N TYR A 372 11.55 -31.26 -5.22
CA TYR A 372 12.76 -31.58 -5.97
C TYR A 372 13.95 -31.95 -5.08
N ASN A 373 13.74 -32.03 -3.77
CA ASN A 373 14.78 -32.46 -2.82
C ASN A 373 16.01 -31.56 -2.89
N VAL A 374 15.79 -30.26 -3.03
CA VAL A 374 16.89 -29.30 -2.95
C VAL A 374 16.49 -28.18 -2.00
N PRO A 375 17.45 -27.49 -1.36
CA PRO A 375 17.09 -26.37 -0.49
C PRO A 375 16.78 -25.10 -1.28
N ALA A 376 17.35 -24.98 -2.47
CA ALA A 376 17.27 -23.73 -3.22
C ALA A 376 17.52 -24.01 -4.69
N MET A 377 17.16 -23.03 -5.52
CA MET A 377 17.50 -23.03 -6.93
C MET A 377 17.98 -21.64 -7.33
N CYS A 378 18.75 -21.59 -8.41
CA CYS A 378 19.00 -20.33 -9.10
C CYS A 378 17.89 -20.08 -10.09
N ARG A 379 17.61 -18.80 -10.36
CA ARG A 379 16.56 -18.47 -11.30
C ARG A 379 16.97 -17.27 -12.13
N ALA A 380 16.95 -17.44 -13.45
CA ALA A 380 17.18 -16.37 -14.41
C ALA A 380 15.87 -16.01 -15.11
N SER A 381 15.52 -14.71 -15.09
CA SER A 381 14.34 -14.20 -15.78
C SER A 381 14.76 -13.58 -17.11
N LEU A 382 13.99 -13.88 -18.16
CA LEU A 382 14.29 -13.39 -19.51
C LEU A 382 13.09 -12.59 -19.99
N ALA A 383 13.14 -11.27 -19.74
CA ALA A 383 12.05 -10.34 -20.01
C ALA A 383 12.24 -9.66 -21.36
N MET A 384 11.30 -8.78 -21.69
CA MET A 384 11.23 -8.19 -23.02
C MET A 384 12.38 -7.23 -23.31
N TYR A 385 13.09 -6.76 -22.28
CA TYR A 385 14.25 -5.91 -22.50
C TYR A 385 15.57 -6.66 -22.42
N ASN A 386 15.55 -7.96 -22.23
CA ASN A 386 16.79 -8.73 -22.20
C ASN A 386 17.20 -9.14 -23.61
N THR A 387 18.48 -9.45 -23.77
CA THR A 387 19.11 -9.61 -25.08
C THR A 387 19.90 -10.90 -25.17
N HIS A 388 20.26 -11.27 -26.40
CA HIS A 388 21.14 -12.42 -26.61
C HIS A 388 22.48 -12.25 -25.91
N GLU A 389 23.02 -11.03 -25.90
CA GLU A 389 24.30 -10.80 -25.25
C GLU A 389 24.23 -11.13 -23.77
N GLU A 390 23.11 -10.80 -23.12
CA GLU A 390 22.95 -11.09 -21.69
C GLU A 390 22.82 -12.59 -21.45
N VAL A 391 22.07 -13.29 -22.32
CA VAL A 391 22.03 -14.75 -22.26
C VAL A 391 23.43 -15.33 -22.40
N ASP A 392 24.21 -14.78 -23.35
CA ASP A 392 25.57 -15.27 -23.59
C ASP A 392 26.46 -15.04 -22.37
N ARG A 393 26.29 -13.89 -21.69
CA ARG A 393 27.04 -13.65 -20.46
C ARG A 393 26.66 -14.65 -19.37
N LEU A 394 25.37 -15.01 -19.28
CA LEU A 394 24.95 -16.04 -18.33
C LEU A 394 25.60 -17.38 -18.64
N VAL A 395 25.52 -17.80 -19.91
CA VAL A 395 26.05 -19.10 -20.30
C VAL A 395 27.56 -19.15 -20.10
N THR A 396 28.29 -18.13 -20.57
CA THR A 396 29.74 -18.16 -20.38
C THR A 396 30.11 -18.06 -18.90
N GLY A 397 29.31 -17.35 -18.11
CA GLY A 397 29.56 -17.29 -16.67
C GLY A 397 29.41 -18.65 -16.01
N LEU A 398 28.33 -19.37 -16.33
CA LEU A 398 28.14 -20.71 -15.76
C LEU A 398 29.25 -21.65 -16.20
N GLN A 399 29.67 -21.57 -17.46
CA GLN A 399 30.82 -22.36 -17.90
C GLN A 399 32.08 -21.99 -17.12
N ARG A 400 32.26 -20.70 -16.84
CA ARG A 400 33.42 -20.23 -16.08
C ARG A 400 33.39 -20.76 -14.64
N ILE A 401 32.22 -20.73 -14.00
CA ILE A 401 32.11 -21.22 -12.64
C ILE A 401 32.43 -22.71 -12.58
N HIS A 402 31.92 -23.47 -13.55
CA HIS A 402 32.18 -24.91 -13.57
C HIS A 402 33.66 -25.19 -13.77
N ARG A 403 34.33 -24.40 -14.60
CA ARG A 403 35.75 -24.60 -14.84
C ARG A 403 36.57 -24.30 -13.59
N LEU A 404 36.21 -23.25 -12.85
CA LEU A 404 37.03 -22.82 -11.72
C LEU A 404 36.79 -23.66 -10.47
N LEU A 405 35.54 -24.04 -10.21
CA LEU A 405 35.17 -24.69 -8.96
C LEU A 405 34.90 -26.18 -9.12
N GLY A 406 35.04 -26.72 -10.32
CA GLY A 406 34.82 -28.14 -10.54
C GLY A 406 33.39 -28.47 -10.90
N ILE B 2 16.09 30.81 9.39
CA ILE B 2 15.11 31.81 8.98
C ILE B 2 14.18 31.23 7.93
N PHE B 3 12.89 31.14 8.27
CA PHE B 3 11.91 30.56 7.37
C PHE B 3 11.49 31.56 6.30
N SER B 4 11.57 31.15 5.04
CA SER B 4 11.10 31.95 3.91
C SER B 4 10.03 31.16 3.16
N VAL B 5 8.78 31.63 3.23
CA VAL B 5 7.71 30.95 2.52
C VAL B 5 7.93 31.01 1.01
N ASP B 6 8.55 32.09 0.53
CA ASP B 6 8.82 32.18 -0.91
C ASP B 6 9.81 31.11 -1.36
N LYS B 7 10.86 30.88 -0.58
CA LYS B 7 11.82 29.82 -0.91
C LYS B 7 11.17 28.45 -0.82
N VAL B 8 10.27 28.26 0.13
CA VAL B 8 9.60 26.97 0.28
C VAL B 8 8.66 26.72 -0.90
N ARG B 9 7.86 27.72 -1.26
CA ARG B 9 6.90 27.56 -2.35
C ARG B 9 7.57 27.22 -3.66
N ALA B 10 8.79 27.73 -3.89
CA ALA B 10 9.50 27.44 -5.13
C ALA B 10 9.84 25.95 -5.27
N ASP B 11 9.83 25.20 -4.16
CA ASP B 11 10.08 23.77 -4.21
C ASP B 11 8.87 22.94 -4.60
N PHE B 12 7.67 23.53 -4.63
CA PHE B 12 6.44 22.77 -4.85
C PHE B 12 5.86 23.13 -6.22
N PRO B 13 6.09 22.31 -7.25
CA PRO B 13 5.67 22.69 -8.60
C PRO B 13 4.18 22.84 -8.77
N VAL B 14 3.37 22.14 -7.97
CA VAL B 14 1.93 22.20 -8.14
C VAL B 14 1.40 23.59 -7.82
N LEU B 15 2.10 24.34 -6.97
CA LEU B 15 1.61 25.65 -6.56
C LEU B 15 1.57 26.66 -7.71
N SER B 16 2.23 26.37 -8.83
CA SER B 16 2.15 27.22 -10.02
C SER B 16 0.94 26.90 -10.89
N ARG B 17 0.12 25.95 -10.47
CA ARG B 17 -0.99 25.47 -11.28
C ARG B 17 -2.11 26.52 -11.31
N GLU B 18 -2.91 26.47 -12.37
CA GLU B 18 -4.15 27.22 -12.46
C GLU B 18 -5.32 26.25 -12.29
N VAL B 19 -6.35 26.71 -11.58
CA VAL B 19 -7.58 25.94 -11.39
C VAL B 19 -8.74 26.84 -11.80
N ASN B 20 -9.56 26.36 -12.73
CA ASN B 20 -10.67 27.16 -13.26
C ASN B 20 -10.17 28.52 -13.77
N GLY B 21 -8.97 28.51 -14.35
CA GLY B 21 -8.38 29.69 -14.94
C GLY B 21 -7.72 30.66 -13.99
N LEU B 22 -7.69 30.37 -12.69
CA LEU B 22 -7.14 31.29 -11.72
C LEU B 22 -5.99 30.65 -10.97
N PRO B 23 -5.04 31.43 -10.45
CA PRO B 23 -3.94 30.86 -9.68
C PRO B 23 -4.47 30.06 -8.49
N LEU B 24 -3.96 28.84 -8.35
CA LEU B 24 -4.41 27.94 -7.30
C LEU B 24 -4.11 28.51 -5.92
N ALA B 25 -5.09 28.38 -5.02
CA ALA B 25 -4.89 28.60 -3.59
C ALA B 25 -5.27 27.28 -2.93
N TYR B 26 -4.25 26.46 -2.62
CA TYR B 26 -4.47 25.10 -2.13
C TYR B 26 -4.56 25.13 -0.61
N LEU B 27 -5.79 25.13 -0.10
CA LEU B 27 -6.05 25.15 1.33
C LEU B 27 -6.63 23.81 1.79
N ASP B 28 -6.10 22.70 1.26
CA ASP B 28 -6.60 21.37 1.61
C ASP B 28 -5.48 20.41 1.99
N SER B 29 -4.38 20.90 2.55
CA SER B 29 -3.26 20.03 2.90
C SER B 29 -3.60 19.04 4.00
N ALA B 30 -4.60 19.32 4.83
CA ALA B 30 -5.01 18.34 5.84
C ALA B 30 -5.59 17.08 5.19
N ALA B 31 -6.19 17.22 4.00
CA ALA B 31 -6.63 16.02 3.28
C ALA B 31 -5.44 15.30 2.69
N SER B 32 -4.56 16.02 2.01
CA SER B 32 -3.29 15.47 1.53
C SER B 32 -2.40 16.64 1.15
N ALA B 33 -1.12 16.52 1.47
CA ALA B 33 -0.16 17.60 1.27
C ALA B 33 0.42 17.55 -0.13
N GLN B 34 0.74 18.73 -0.67
CA GLN B 34 1.52 18.74 -1.89
C GLN B 34 2.96 18.32 -1.59
N LYS B 35 3.69 17.95 -2.65
CA LYS B 35 5.01 17.38 -2.47
C LYS B 35 6.09 18.27 -3.09
N PRO B 36 7.23 18.43 -2.42
CA PRO B 36 8.32 19.18 -3.03
C PRO B 36 9.05 18.35 -4.07
N SER B 37 9.74 19.06 -4.97
CA SER B 37 10.47 18.37 -6.02
CA SER B 37 10.49 18.39 -6.03
C SER B 37 11.50 17.40 -5.44
N GLN B 38 12.04 17.70 -4.27
CA GLN B 38 13.02 16.81 -3.64
C GLN B 38 12.42 15.43 -3.39
N VAL B 39 11.13 15.39 -3.05
CA VAL B 39 10.45 14.13 -2.77
C VAL B 39 10.10 13.40 -4.06
N ILE B 40 9.50 14.13 -5.00
CA ILE B 40 9.15 13.56 -6.29
C ILE B 40 10.38 12.99 -6.98
N ASP B 41 11.47 13.77 -6.97
CA ASP B 41 12.69 13.36 -7.67
C ASP B 41 13.41 12.21 -6.98
N ALA B 42 13.35 12.16 -5.65
CA ALA B 42 13.98 11.04 -4.94
C ALA B 42 13.36 9.72 -5.36
N GLU B 43 12.03 9.68 -5.45
CA GLU B 43 11.36 8.45 -5.88
C GLU B 43 11.70 8.13 -7.33
N ALA B 44 11.62 9.14 -8.21
CA ALA B 44 11.90 8.91 -9.62
C ALA B 44 13.34 8.44 -9.83
N GLU B 45 14.30 9.03 -9.11
CA GLU B 45 15.70 8.65 -9.26
C GLU B 45 15.94 7.22 -8.79
N PHE B 46 15.25 6.78 -7.74
CA PHE B 46 15.30 5.38 -7.34
C PHE B 46 14.86 4.48 -8.48
N TYR B 47 13.70 4.78 -9.08
CA TYR B 47 13.22 3.97 -10.20
C TYR B 47 14.15 4.05 -11.40
N ARG B 48 14.79 5.20 -11.63
CA ARG B 48 15.63 5.35 -12.80
C ARG B 48 16.97 4.65 -12.67
N HIS B 49 17.52 4.55 -11.47
CA HIS B 49 18.92 4.16 -11.34
C HIS B 49 19.20 3.13 -10.26
N GLY B 50 18.26 2.81 -9.39
CA GLY B 50 18.61 1.91 -8.31
C GLY B 50 17.59 0.83 -8.02
N TYR B 51 16.69 0.57 -8.96
CA TYR B 51 15.55 -0.28 -8.64
C TYR B 51 15.90 -1.77 -8.65
N ALA B 52 15.43 -2.47 -7.62
CA ALA B 52 15.48 -3.92 -7.56
C ALA B 52 14.49 -4.37 -6.50
N ALA B 53 14.24 -5.68 -6.45
CA ALA B 53 13.48 -6.24 -5.34
C ALA B 53 14.33 -6.20 -4.07
N VAL B 54 13.66 -6.19 -2.92
CA VAL B 54 14.35 -6.04 -1.64
C VAL B 54 14.28 -7.28 -0.76
N HIS B 55 13.47 -8.28 -1.09
CA HIS B 55 13.26 -9.42 -0.19
C HIS B 55 14.53 -10.27 -0.14
N ARG B 56 15.52 -9.76 0.59
CA ARG B 56 16.74 -10.49 0.89
C ARG B 56 17.41 -11.06 -0.37
N GLY B 57 17.36 -10.28 -1.44
CA GLY B 57 18.12 -10.62 -2.63
C GLY B 57 19.58 -10.30 -2.42
N ILE B 58 20.45 -11.21 -2.88
CA ILE B 58 21.87 -11.04 -2.61
C ILE B 58 22.59 -10.22 -3.67
N HIS B 59 22.04 -10.13 -4.90
CA HIS B 59 22.79 -9.41 -5.92
C HIS B 59 22.81 -7.92 -5.60
N THR B 60 23.77 -7.23 -6.22
CA THR B 60 24.20 -5.90 -5.76
C THR B 60 23.03 -4.92 -5.68
N LEU B 61 22.23 -4.85 -6.74
CA LEU B 61 21.12 -3.89 -6.76
C LEU B 61 20.10 -4.19 -5.67
N SER B 62 19.83 -5.48 -5.44
CA SER B 62 18.87 -5.83 -4.39
C SER B 62 19.40 -5.50 -3.01
N ALA B 63 20.66 -5.84 -2.74
CA ALA B 63 21.24 -5.52 -1.44
C ALA B 63 21.25 -4.01 -1.20
N GLN B 64 21.58 -3.22 -2.23
CA GLN B 64 21.60 -1.77 -2.08
C GLN B 64 20.21 -1.21 -1.85
N ALA B 65 19.20 -1.74 -2.55
CA ALA B 65 17.83 -1.28 -2.33
C ALA B 65 17.36 -1.63 -0.92
N THR B 66 17.74 -2.80 -0.41
CA THR B 66 17.41 -3.18 0.95
C THR B 66 18.01 -2.21 1.95
N GLU B 67 19.26 -1.79 1.73
CA GLU B 67 19.90 -0.86 2.66
C GLU B 67 19.21 0.50 2.63
N LYS B 68 18.78 0.95 1.44
CA LYS B 68 18.07 2.22 1.35
C LYS B 68 16.80 2.19 2.18
N MET B 69 16.04 1.10 2.09
CA MET B 69 14.81 0.97 2.86
C MET B 69 15.07 0.98 4.36
N GLU B 70 16.10 0.26 4.82
CA GLU B 70 16.39 0.24 6.24
C GLU B 70 16.95 1.57 6.73
N ASN B 71 17.64 2.31 5.86
CA ASN B 71 18.09 3.64 6.25
C ASN B 71 16.91 4.60 6.44
N VAL B 72 15.84 4.44 5.67
CA VAL B 72 14.64 5.26 5.88
C VAL B 72 14.00 4.92 7.23
N ARG B 73 13.95 3.63 7.57
CA ARG B 73 13.42 3.24 8.88
C ARG B 73 14.19 3.91 10.00
N LYS B 74 15.51 3.97 9.89
CA LYS B 74 16.32 4.64 10.90
C LYS B 74 16.03 6.13 10.92
N ARG B 75 15.93 6.76 9.73
CA ARG B 75 15.67 8.19 9.67
C ARG B 75 14.33 8.53 10.30
N ALA B 76 13.32 7.69 10.05
CA ALA B 76 12.00 7.94 10.63
C ALA B 76 12.03 7.76 12.14
N SER B 77 12.82 6.80 12.63
CA SER B 77 12.90 6.60 14.08
C SER B 77 13.54 7.81 14.76
N LEU B 78 14.55 8.42 14.12
CA LEU B 78 15.14 9.62 14.68
C LEU B 78 14.17 10.79 14.61
N PHE B 79 13.36 10.84 13.55
CA PHE B 79 12.41 11.94 13.36
C PHE B 79 11.42 12.03 14.52
N ILE B 80 10.94 10.89 15.02
CA ILE B 80 10.01 10.87 16.15
C ILE B 80 10.73 10.55 17.46
N ASN B 81 12.06 10.48 17.45
CA ASN B 81 12.88 10.15 18.62
C ASN B 81 12.48 8.82 19.26
N ALA B 82 12.30 7.80 18.44
CA ALA B 82 12.13 6.46 18.98
C ALA B 82 13.46 5.95 19.52
N ARG B 83 13.38 4.97 20.42
CA ARG B 83 14.60 4.41 21.00
C ARG B 83 15.38 3.59 19.97
N SER B 84 14.67 2.90 19.09
CA SER B 84 15.27 1.97 18.13
C SER B 84 14.52 2.05 16.81
N ALA B 85 15.27 1.91 15.71
CA ALA B 85 14.65 1.85 14.40
C ALA B 85 13.73 0.63 14.27
N GLU B 86 14.00 -0.43 15.02
CA GLU B 86 13.17 -1.62 14.93
C GLU B 86 11.87 -1.49 15.72
N GLU B 87 11.60 -0.33 16.29
CA GLU B 87 10.29 -0.03 16.86
C GLU B 87 9.32 0.55 15.83
N LEU B 88 9.74 0.67 14.57
CA LEU B 88 8.93 1.29 13.53
C LEU B 88 8.54 0.25 12.49
N VAL B 89 7.27 0.25 12.11
CA VAL B 89 6.71 -0.63 11.10
C VAL B 89 6.23 0.21 9.93
N PHE B 90 6.64 -0.16 8.71
CA PHE B 90 6.11 0.48 7.51
C PHE B 90 4.71 -0.06 7.25
N VAL B 91 3.71 0.81 7.29
CA VAL B 91 2.33 0.43 7.04
C VAL B 91 1.85 1.19 5.81
N ARG B 92 0.68 0.78 5.30
CA ARG B 92 0.15 1.45 4.11
C ARG B 92 -0.33 2.86 4.41
N GLY B 93 -0.62 3.15 5.67
CA GLY B 93 -1.18 4.43 6.08
C GLY B 93 -1.67 4.32 7.50
N THR B 94 -2.17 5.45 8.02
CA THR B 94 -2.68 5.49 9.39
C THR B 94 -3.83 4.51 9.58
N THR B 95 -4.76 4.45 8.62
CA THR B 95 -5.90 3.55 8.74
C THR B 95 -5.43 2.11 8.94
N GLU B 96 -4.49 1.67 8.12
CA GLU B 96 -3.98 0.30 8.23
C GLU B 96 -3.21 0.12 9.53
N GLY B 97 -2.43 1.13 9.93
CA GLY B 97 -1.66 1.01 11.16
C GLY B 97 -2.53 0.81 12.38
N ILE B 98 -3.64 1.55 12.48
CA ILE B 98 -4.51 1.40 13.64
C ILE B 98 -5.17 0.03 13.63
N ASN B 99 -5.62 -0.43 12.45
CA ASN B 99 -6.21 -1.76 12.33
C ASN B 99 -5.22 -2.85 12.72
N LEU B 100 -3.95 -2.66 12.39
CA LEU B 100 -2.93 -3.64 12.77
C LEU B 100 -2.84 -3.77 14.29
N VAL B 101 -2.82 -2.64 14.99
CA VAL B 101 -2.78 -2.69 16.46
C VAL B 101 -4.04 -3.35 17.00
N ALA B 102 -5.19 -2.96 16.47
CA ALA B 102 -6.45 -3.53 16.96
C ALA B 102 -6.52 -5.04 16.76
N ASN B 103 -5.94 -5.55 15.67
CA ASN B 103 -6.07 -6.97 15.37
C ASN B 103 -4.98 -7.83 16.02
N SER B 104 -3.74 -7.36 16.03
CA SER B 104 -2.67 -8.15 16.66
C SER B 104 -2.63 -7.92 18.16
N TRP B 105 -2.49 -6.67 18.60
CA TRP B 105 -2.44 -6.40 20.02
C TRP B 105 -3.83 -6.49 20.65
N GLY B 106 -4.84 -5.94 19.99
CA GLY B 106 -6.17 -5.89 20.58
C GLY B 106 -6.75 -7.26 20.84
N ASN B 107 -6.67 -8.14 19.85
CA ASN B 107 -7.25 -9.48 20.02
C ASN B 107 -6.56 -10.27 21.11
N SER B 108 -5.32 -9.92 21.46
CA SER B 108 -4.58 -10.63 22.49
C SER B 108 -4.62 -9.95 23.86
N ASN B 109 -5.18 -8.75 23.97
CA ASN B 109 -5.13 -8.02 25.23
C ASN B 109 -6.47 -7.47 25.70
N VAL B 110 -7.52 -7.52 24.88
CA VAL B 110 -8.83 -7.01 25.24
C VAL B 110 -9.79 -8.19 25.26
N ARG B 111 -10.43 -8.43 26.39
CA ARG B 111 -11.27 -9.60 26.59
C ARG B 111 -12.64 -9.16 27.07
N ALA B 112 -13.54 -10.13 27.22
CA ALA B 112 -14.89 -9.83 27.67
C ALA B 112 -14.87 -9.11 29.00
N GLY B 113 -15.66 -8.05 29.11
CA GLY B 113 -15.74 -7.27 30.33
C GLY B 113 -14.75 -6.14 30.43
N ASP B 114 -13.80 -6.03 29.50
CA ASP B 114 -12.87 -4.91 29.48
C ASP B 114 -13.53 -3.71 28.80
N ASN B 115 -12.82 -2.58 28.78
CA ASN B 115 -13.31 -1.43 28.02
C ASN B 115 -12.14 -0.72 27.35
N ILE B 116 -12.48 0.01 26.29
CA ILE B 116 -11.56 0.86 25.54
C ILE B 116 -12.15 2.25 25.52
N ILE B 117 -11.29 3.27 25.62
CA ILE B 117 -11.72 4.66 25.62
C ILE B 117 -11.22 5.32 24.35
N ILE B 118 -12.14 5.99 23.64
CA ILE B 118 -11.81 6.88 22.52
C ILE B 118 -12.37 8.25 22.85
N SER B 119 -12.34 9.15 21.88
CA SER B 119 -12.93 10.47 22.08
C SER B 119 -13.95 10.75 21.00
N GLN B 120 -14.82 11.73 21.27
CA GLN B 120 -15.86 12.09 20.34
C GLN B 120 -15.33 12.81 19.10
N MET B 121 -14.08 13.27 19.10
CA MET B 121 -13.52 13.97 17.95
C MET B 121 -12.69 13.06 17.04
N GLU B 122 -12.68 11.74 17.28
CA GLU B 122 -11.80 10.87 16.51
C GLU B 122 -12.22 10.77 15.04
N HIS B 123 -11.22 10.67 14.17
CA HIS B 123 -11.40 10.23 12.80
C HIS B 123 -11.98 8.81 12.81
N HIS B 124 -12.79 8.49 11.78
CA HIS B 124 -13.40 7.16 11.70
C HIS B 124 -12.36 6.04 11.80
N ALA B 125 -11.16 6.25 11.26
CA ALA B 125 -10.14 5.21 11.29
C ALA B 125 -9.68 4.90 12.70
N ASN B 126 -9.92 5.79 13.66
CA ASN B 126 -9.61 5.56 15.06
C ASN B 126 -10.89 5.35 15.88
N ILE B 127 -11.95 4.89 15.23
CA ILE B 127 -13.20 4.55 15.90
C ILE B 127 -13.59 3.13 15.51
N VAL B 128 -13.71 2.88 14.22
CA VAL B 128 -14.27 1.61 13.75
C VAL B 128 -13.45 0.41 14.19
N PRO B 129 -12.11 0.41 14.12
CA PRO B 129 -11.38 -0.79 14.59
C PRO B 129 -11.70 -1.15 16.02
N TRP B 130 -11.90 -0.14 16.87
CA TRP B 130 -12.20 -0.38 18.28
C TRP B 130 -13.66 -0.78 18.48
N GLN B 131 -14.58 -0.24 17.67
CA GLN B 131 -15.97 -0.71 17.71
C GLN B 131 -16.05 -2.19 17.40
N MET B 132 -15.33 -2.63 16.37
CA MET B 132 -15.43 -4.03 15.95
C MET B 132 -14.71 -4.96 16.92
N LEU B 133 -13.56 -4.53 17.45
CA LEU B 133 -12.90 -5.33 18.47
C LEU B 133 -13.79 -5.52 19.70
N CYS B 134 -14.45 -4.46 20.16
CA CYS B 134 -15.32 -4.58 21.32
C CYS B 134 -16.48 -5.53 21.06
N ALA B 135 -16.83 -5.76 19.80
CA ALA B 135 -17.85 -6.74 19.44
C ALA B 135 -17.29 -8.15 19.32
N ARG B 136 -16.05 -8.29 18.83
CA ARG B 136 -15.44 -9.62 18.74
C ARG B 136 -15.22 -10.24 20.11
N VAL B 137 -14.99 -9.42 21.14
CA VAL B 137 -14.62 -9.93 22.46
C VAL B 137 -15.66 -9.65 23.52
N GLY B 138 -16.62 -8.76 23.26
CA GLY B 138 -17.59 -8.43 24.28
C GLY B 138 -17.09 -7.40 25.27
N ALA B 139 -16.47 -6.34 24.77
CA ALA B 139 -15.97 -5.24 25.59
C ALA B 139 -16.80 -3.98 25.33
N GLU B 140 -16.58 -2.97 26.17
CA GLU B 140 -17.32 -1.72 26.12
C GLU B 140 -16.46 -0.62 25.52
N LEU B 141 -17.04 0.17 24.62
CA LEU B 141 -16.38 1.32 24.03
C LEU B 141 -16.89 2.58 24.73
N ARG B 142 -15.97 3.29 25.40
CA ARG B 142 -16.31 4.50 26.14
C ARG B 142 -15.74 5.72 25.41
N VAL B 143 -16.40 6.86 25.55
CA VAL B 143 -16.15 8.02 24.69
C VAL B 143 -15.98 9.26 25.55
N ILE B 144 -14.83 9.93 25.41
CA ILE B 144 -14.57 11.22 26.04
C ILE B 144 -15.40 12.27 25.32
N PRO B 145 -16.31 12.96 25.99
CA PRO B 145 -17.15 13.94 25.31
C PRO B 145 -16.42 15.25 25.01
N LEU B 146 -16.98 16.01 24.08
CA LEU B 146 -16.46 17.31 23.67
C LEU B 146 -17.06 18.43 24.51
N ASN B 147 -16.34 19.58 24.53
CA ASN B 147 -16.80 20.89 24.98
C ASN B 147 -17.24 21.70 23.77
N PRO B 148 -18.07 22.74 23.98
CA PRO B 148 -18.46 23.58 22.83
C PRO B 148 -17.27 24.19 22.10
N ASP B 149 -16.20 24.56 22.80
CA ASP B 149 -15.05 25.15 22.14
C ASP B 149 -14.18 24.12 21.41
N GLY B 150 -14.59 22.87 21.33
CA GLY B 150 -13.84 21.90 20.55
C GLY B 150 -12.76 21.17 21.29
N THR B 151 -12.61 21.38 22.59
CA THR B 151 -11.69 20.61 23.40
C THR B 151 -12.43 19.45 24.06
N LEU B 152 -11.65 18.48 24.53
CA LEU B 152 -12.22 17.34 25.22
C LEU B 152 -12.45 17.67 26.70
N GLN B 153 -13.45 17.03 27.29
CA GLN B 153 -13.75 17.21 28.71
C GLN B 153 -12.79 16.36 29.52
N LEU B 154 -11.60 16.93 29.79
CA LEU B 154 -10.55 16.18 30.46
C LEU B 154 -10.98 15.73 31.84
N GLU B 155 -11.83 16.50 32.53
CA GLU B 155 -12.26 16.17 33.87
C GLU B 155 -13.14 14.91 33.92
N THR B 156 -13.63 14.43 32.78
CA THR B 156 -14.41 13.19 32.75
C THR B 156 -13.53 11.96 32.68
N LEU B 157 -12.26 12.11 32.32
CA LEU B 157 -11.39 10.95 32.15
C LEU B 157 -11.25 10.11 33.41
N PRO B 158 -11.04 10.66 34.61
CA PRO B 158 -10.86 9.79 35.78
C PRO B 158 -12.03 8.84 36.03
N THR B 159 -13.25 9.23 35.66
CA THR B 159 -14.38 8.33 35.83
C THR B 159 -14.53 7.34 34.69
N LEU B 160 -13.98 7.65 33.50
CA LEU B 160 -14.03 6.70 32.40
C LEU B 160 -13.01 5.57 32.55
N PHE B 161 -11.88 5.86 33.19
CA PHE B 161 -10.86 4.84 33.44
C PHE B 161 -11.22 4.01 34.65
N ASP B 162 -11.07 2.68 34.54
CA ASP B 162 -11.08 1.82 35.71
C ASP B 162 -10.07 0.71 35.46
N GLU B 163 -10.07 -0.30 36.34
CA GLU B 163 -9.08 -1.37 36.24
C GLU B 163 -9.37 -2.32 35.08
N LYS B 164 -10.49 -2.16 34.39
CA LYS B 164 -10.80 -2.93 33.20
C LYS B 164 -10.44 -2.20 31.91
N THR B 165 -10.00 -0.95 31.99
CA THR B 165 -9.63 -0.20 30.79
C THR B 165 -8.30 -0.71 30.26
N ARG B 166 -8.30 -1.19 29.01
CA ARG B 166 -7.09 -1.75 28.42
C ARG B 166 -6.37 -0.78 27.51
N LEU B 167 -7.08 0.19 26.94
CA LEU B 167 -6.47 1.03 25.93
C LEU B 167 -7.19 2.37 25.85
N LEU B 168 -6.42 3.44 25.69
CA LEU B 168 -6.91 4.74 25.26
C LEU B 168 -6.40 4.95 23.84
N ALA B 169 -7.33 5.21 22.91
CA ALA B 169 -6.98 5.56 21.54
C ALA B 169 -7.42 6.99 21.32
N ILE B 170 -6.47 7.87 21.02
CA ILE B 170 -6.71 9.30 21.10
C ILE B 170 -5.98 10.02 19.97
N THR B 171 -6.60 11.06 19.43
CA THR B 171 -5.95 11.85 18.39
C THR B 171 -5.03 12.89 19.01
N HIS B 172 -3.86 13.05 18.40
CA HIS B 172 -2.92 14.09 18.81
C HIS B 172 -3.48 15.47 18.45
N VAL B 173 -3.87 15.64 17.19
CA VAL B 173 -4.45 16.86 16.67
C VAL B 173 -5.67 16.49 15.84
N SER B 174 -6.81 17.13 16.10
CA SER B 174 -8.03 16.87 15.35
C SER B 174 -7.90 17.29 13.90
N ASN B 175 -8.35 16.41 12.99
CA ASN B 175 -8.32 16.72 11.57
C ASN B 175 -9.41 17.71 11.16
N VAL B 176 -10.34 18.03 12.04
CA VAL B 176 -11.41 18.97 11.75
C VAL B 176 -11.22 20.29 12.47
N LEU B 177 -11.00 20.25 13.77
CA LEU B 177 -10.98 21.43 14.60
C LEU B 177 -9.58 22.01 14.80
N GLY B 178 -8.54 21.19 14.62
CA GLY B 178 -7.20 21.66 14.93
C GLY B 178 -6.87 21.65 16.39
N THR B 179 -7.73 21.08 17.22
CA THR B 179 -7.46 20.94 18.65
C THR B 179 -6.28 20.01 18.86
N GLU B 180 -5.30 20.47 19.65
CA GLU B 180 -4.19 19.64 20.11
C GLU B 180 -4.53 19.14 21.50
N ASN B 181 -4.61 17.81 21.65
CA ASN B 181 -5.07 17.28 22.92
C ASN B 181 -3.94 17.22 23.94
N PRO B 182 -4.27 17.29 25.25
CA PRO B 182 -3.26 17.25 26.33
C PRO B 182 -2.75 15.83 26.58
N LEU B 183 -1.90 15.35 25.66
CA LEU B 183 -1.48 13.96 25.70
C LEU B 183 -0.69 13.63 26.96
N ALA B 184 0.14 14.56 27.43
CA ALA B 184 0.94 14.30 28.63
C ALA B 184 0.06 13.92 29.81
N GLU B 185 -1.00 14.70 30.05
CA GLU B 185 -1.90 14.39 31.17
C GLU B 185 -2.65 13.10 30.92
N MET B 186 -3.14 12.90 29.69
CA MET B 186 -3.95 11.71 29.40
C MET B 186 -3.13 10.44 29.50
N ILE B 187 -1.87 10.49 29.03
CA ILE B 187 -1.01 9.30 29.08
C ILE B 187 -0.61 8.98 30.52
N THR B 188 -0.34 10.03 31.32
CA THR B 188 -0.04 9.82 32.74
C THR B 188 -1.20 9.13 33.44
N LEU B 189 -2.43 9.58 33.17
CA LEU B 189 -3.60 8.98 33.79
C LEU B 189 -3.81 7.54 33.31
N ALA B 190 -3.74 7.31 32.00
CA ALA B 190 -3.97 5.97 31.47
C ALA B 190 -2.97 4.98 32.06
N HIS B 191 -1.70 5.36 32.14
CA HIS B 191 -0.69 4.44 32.65
C HIS B 191 -0.89 4.15 34.14
N GLN B 192 -1.47 5.10 34.89
CA GLN B 192 -1.76 4.83 36.31
C GLN B 192 -2.77 3.71 36.47
N HIS B 193 -3.63 3.49 35.47
CA HIS B 193 -4.61 2.42 35.50
C HIS B 193 -4.12 1.15 34.79
N GLY B 194 -2.91 1.16 34.24
CA GLY B 194 -2.41 0.01 33.52
C GLY B 194 -2.88 -0.07 32.09
N ALA B 195 -3.54 0.97 31.58
CA ALA B 195 -3.95 0.99 30.18
C ALA B 195 -2.79 1.39 29.28
N LYS B 196 -2.84 0.94 28.04
CA LYS B 196 -1.94 1.44 27.01
C LYS B 196 -2.58 2.61 26.28
N VAL B 197 -1.77 3.36 25.55
CA VAL B 197 -2.23 4.52 24.80
C VAL B 197 -1.76 4.41 23.37
N LEU B 198 -2.70 4.47 22.42
CA LEU B 198 -2.39 4.64 21.01
C LEU B 198 -2.71 6.08 20.63
N VAL B 199 -1.77 6.74 19.96
CA VAL B 199 -1.94 8.12 19.54
C VAL B 199 -2.03 8.15 18.02
N ASP B 200 -3.13 8.69 17.52
CA ASP B 200 -3.31 8.98 16.09
C ASP B 200 -2.67 10.32 15.81
N GLY B 201 -1.48 10.29 15.21
CA GLY B 201 -0.69 11.50 15.03
C GLY B 201 -0.68 12.00 13.60
N ALA B 202 -1.67 11.60 12.81
CA ALA B 202 -1.68 11.89 11.38
C ALA B 202 -1.74 13.38 11.08
N GLN B 203 -2.26 14.21 12.00
CA GLN B 203 -2.33 15.65 11.79
C GLN B 203 -1.38 16.42 12.71
N ALA B 204 -0.41 15.75 13.32
CA ALA B 204 0.53 16.40 14.23
C ALA B 204 1.95 16.50 13.70
N VAL B 205 2.44 15.46 13.01
CA VAL B 205 3.88 15.34 12.74
C VAL B 205 4.39 16.37 11.76
N MET B 206 3.52 17.04 11.01
CA MET B 206 3.98 18.07 10.08
C MET B 206 4.01 19.46 10.69
N HIS B 207 3.52 19.63 11.92
CA HIS B 207 3.33 20.96 12.48
C HIS B 207 4.35 21.33 13.54
N HIS B 208 4.93 20.35 14.23
CA HIS B 208 5.91 20.65 15.28
C HIS B 208 6.66 19.37 15.64
N PRO B 209 7.77 19.45 16.38
CA PRO B 209 8.49 18.23 16.76
C PRO B 209 7.60 17.29 17.57
N VAL B 210 7.76 15.99 17.30
CA VAL B 210 7.07 14.93 18.03
C VAL B 210 8.13 14.00 18.61
N ASP B 211 8.00 13.69 19.90
CA ASP B 211 9.01 12.93 20.65
C ASP B 211 8.29 11.81 21.41
N VAL B 212 8.34 10.60 20.88
CA VAL B 212 7.55 9.52 21.49
C VAL B 212 8.15 9.02 22.79
N GLN B 213 9.44 9.29 23.06
CA GLN B 213 9.97 8.94 24.38
C GLN B 213 9.47 9.91 25.44
N ALA B 214 9.40 11.20 25.12
CA ALA B 214 8.88 12.17 26.07
C ALA B 214 7.38 11.97 26.29
N LEU B 215 6.63 11.69 25.23
CA LEU B 215 5.21 11.40 25.37
C LEU B 215 4.98 10.12 26.12
N ASP B 216 5.86 9.14 25.96
CA ASP B 216 5.74 7.81 26.56
C ASP B 216 4.50 7.08 26.05
N CYS B 217 4.07 7.37 24.83
CA CYS B 217 2.97 6.65 24.24
C CYS B 217 3.39 5.23 23.88
N ASP B 218 2.43 4.32 23.88
CA ASP B 218 2.72 2.93 23.56
C ASP B 218 2.64 2.65 22.06
N PHE B 219 1.75 3.33 21.36
CA PHE B 219 1.65 3.25 19.91
C PHE B 219 1.50 4.68 19.36
N TYR B 220 2.13 4.93 18.23
CA TYR B 220 1.99 6.21 17.53
C TYR B 220 1.93 5.92 16.03
N VAL B 221 0.99 6.55 15.33
CA VAL B 221 0.81 6.26 13.90
C VAL B 221 0.65 7.57 13.13
N PHE B 222 1.20 7.61 11.91
CA PHE B 222 0.96 8.74 11.01
C PHE B 222 1.11 8.31 9.56
N SER B 223 0.72 9.22 8.66
CA SER B 223 0.60 8.97 7.23
C SER B 223 1.63 9.76 6.44
N GLY B 224 2.24 9.13 5.45
CA GLY B 224 3.26 9.81 4.66
C GLY B 224 2.70 10.92 3.79
N HIS B 225 1.50 10.72 3.23
CA HIS B 225 1.01 11.67 2.22
C HIS B 225 0.58 12.99 2.84
N LYS B 226 0.34 13.03 4.15
CA LYS B 226 0.03 14.30 4.81
C LYS B 226 1.29 15.00 5.29
N LEU B 227 2.42 14.29 5.30
CA LEU B 227 3.73 14.84 5.65
C LEU B 227 4.55 15.12 4.39
N TYR B 228 3.91 15.70 3.37
CA TYR B 228 4.55 16.11 2.13
C TYR B 228 5.21 14.94 1.40
N GLY B 229 4.77 13.71 1.64
CA GLY B 229 5.39 12.55 1.04
C GLY B 229 4.44 11.75 0.14
N PRO B 230 4.93 10.63 -0.38
CA PRO B 230 4.14 9.83 -1.33
C PRO B 230 2.92 9.21 -0.67
N THR B 231 1.98 8.84 -1.52
CA THR B 231 0.84 8.02 -1.12
C THR B 231 1.31 6.58 -0.86
N GLY B 232 0.44 5.82 -0.19
CA GLY B 232 0.68 4.41 0.01
C GLY B 232 1.74 4.05 1.04
N ILE B 233 2.10 4.96 1.94
CA ILE B 233 3.10 4.64 2.96
C ILE B 233 2.78 5.42 4.22
N GLY B 234 2.99 4.77 5.37
CA GLY B 234 2.80 5.37 6.67
C GLY B 234 3.72 4.70 7.67
N ILE B 235 3.65 5.17 8.92
CA ILE B 235 4.55 4.68 9.97
C ILE B 235 3.72 4.31 11.19
N LEU B 236 4.01 3.15 11.76
CA LEU B 236 3.49 2.76 13.06
C LEU B 236 4.67 2.57 14.00
N TYR B 237 4.67 3.33 15.10
CA TYR B 237 5.62 3.17 16.19
C TYR B 237 4.97 2.34 17.29
N VAL B 238 5.69 1.33 17.78
CA VAL B 238 5.25 0.54 18.91
C VAL B 238 6.44 0.37 19.85
N LYS B 239 6.20 0.59 21.16
CA LYS B 239 7.23 0.32 22.16
C LYS B 239 7.77 -1.10 21.99
N GLU B 240 9.09 -1.23 22.11
CA GLU B 240 9.76 -2.49 21.79
C GLU B 240 9.21 -3.65 22.63
N ALA B 241 8.99 -3.42 23.92
CA ALA B 241 8.51 -4.49 24.79
C ALA B 241 7.14 -5.00 24.33
N LEU B 242 6.27 -4.09 23.89
CA LEU B 242 4.98 -4.50 23.38
C LEU B 242 5.10 -5.12 21.99
N LEU B 243 5.91 -4.50 21.13
CA LEU B 243 5.99 -4.93 19.73
C LEU B 243 6.46 -6.37 19.62
N GLN B 244 7.45 -6.75 20.43
CA GLN B 244 7.99 -8.10 20.32
C GLN B 244 7.07 -9.16 20.90
N GLU B 245 6.01 -8.77 21.61
CA GLU B 245 5.02 -9.72 22.08
C GLU B 245 3.81 -9.84 21.16
N MET B 246 3.67 -8.95 20.19
CA MET B 246 2.48 -8.96 19.33
C MET B 246 2.53 -10.14 18.37
N PRO B 247 1.48 -10.96 18.32
CA PRO B 247 1.48 -12.13 17.44
C PRO B 247 1.06 -11.76 16.04
N PRO B 248 1.32 -12.63 15.06
CA PRO B 248 0.86 -12.34 13.69
C PRO B 248 -0.64 -12.47 13.58
N TRP B 249 -1.21 -11.74 12.61
CA TRP B 249 -2.64 -11.82 12.35
C TRP B 249 -2.89 -12.47 11.00
N GLU B 250 -2.75 -11.69 9.91
CA GLU B 250 -2.94 -12.23 8.55
C GLU B 250 -2.12 -11.47 7.52
N SER B 254 8.90 -8.88 4.44
CA SER B 254 9.22 -10.25 4.81
C SER B 254 8.44 -10.65 6.05
N MET B 255 7.30 -11.33 5.84
CA MET B 255 6.38 -11.69 6.92
C MET B 255 6.20 -13.19 7.07
N ILE B 256 5.87 -13.90 5.98
CA ILE B 256 5.99 -15.35 5.99
C ILE B 256 7.46 -15.72 5.97
N ALA B 257 7.88 -16.54 6.92
CA ALA B 257 9.26 -17.02 6.98
C ALA B 257 9.44 -18.37 6.30
N THR B 258 8.77 -19.40 6.82
CA THR B 258 8.84 -20.74 6.24
C THR B 258 7.43 -21.29 6.05
N VAL B 259 7.28 -22.14 5.04
CA VAL B 259 6.00 -22.79 4.74
C VAL B 259 6.25 -24.27 4.50
N SER B 260 5.47 -25.11 5.18
CA SER B 260 5.49 -26.55 4.99
C SER B 260 4.05 -27.02 4.85
N LEU B 261 3.82 -27.92 3.90
CA LEU B 261 2.48 -28.48 3.73
C LEU B 261 2.15 -29.52 4.79
N SER B 262 3.14 -29.97 5.56
CA SER B 262 2.90 -30.92 6.65
C SER B 262 3.13 -30.33 8.03
N GLU B 263 3.99 -29.32 8.15
CA GLU B 263 4.33 -28.76 9.45
C GLU B 263 3.84 -27.33 9.65
N GLY B 264 3.24 -26.72 8.65
CA GLY B 264 2.65 -25.40 8.83
C GLY B 264 3.62 -24.28 8.50
N THR B 265 3.34 -23.11 9.07
CA THR B 265 3.97 -21.86 8.67
C THR B 265 4.59 -21.16 9.87
N THR B 266 5.75 -20.55 9.65
CA THR B 266 6.37 -19.66 10.63
C THR B 266 6.51 -18.28 10.02
N TRP B 267 6.63 -17.29 10.91
CA TRP B 267 6.65 -15.89 10.50
C TRP B 267 7.95 -15.24 10.96
N THR B 268 8.33 -14.16 10.27
CA THR B 268 9.52 -13.41 10.65
C THR B 268 9.24 -12.63 11.94
N LYS B 269 10.30 -12.09 12.52
CA LYS B 269 10.17 -11.30 13.74
C LYS B 269 9.79 -9.85 13.41
N ALA B 270 9.20 -9.18 14.41
CA ALA B 270 8.87 -7.77 14.26
C ALA B 270 10.14 -6.92 14.18
N PRO B 271 10.10 -5.78 13.48
CA PRO B 271 8.96 -5.16 12.79
C PRO B 271 8.61 -5.83 11.46
N TRP B 272 9.54 -6.58 10.88
CA TRP B 272 9.31 -7.17 9.57
C TRP B 272 8.10 -8.11 9.57
N ARG B 273 7.79 -8.69 10.73
CA ARG B 273 6.63 -9.56 10.86
C ARG B 273 5.36 -8.90 10.31
N PHE B 274 5.23 -7.59 10.46
CA PHE B 274 4.00 -6.91 10.09
C PHE B 274 4.11 -6.17 8.77
N GLU B 275 5.09 -6.53 7.95
CA GLU B 275 5.28 -5.97 6.61
C GLU B 275 5.18 -7.12 5.59
N ALA B 276 3.94 -7.52 5.30
CA ALA B 276 3.69 -8.65 4.42
C ALA B 276 3.85 -8.25 2.96
N GLY B 277 4.19 -9.24 2.13
CA GLY B 277 4.29 -9.01 0.70
C GLY B 277 5.53 -8.21 0.31
N THR B 278 5.39 -7.45 -0.78
CA THR B 278 6.49 -6.65 -1.31
C THR B 278 6.39 -5.23 -0.78
N PRO B 279 7.45 -4.70 -0.17
CA PRO B 279 7.41 -3.32 0.34
C PRO B 279 7.16 -2.33 -0.77
N ASN B 280 6.50 -1.22 -0.41
CA ASN B 280 6.35 -0.09 -1.33
C ASN B 280 7.64 0.71 -1.30
N THR B 281 8.67 0.17 -1.94
CA THR B 281 10.00 0.76 -1.84
C THR B 281 10.02 2.16 -2.45
N GLY B 282 9.28 2.37 -3.54
CA GLY B 282 9.20 3.71 -4.10
C GLY B 282 8.69 4.73 -3.09
N GLY B 283 7.57 4.39 -2.42
CA GLY B 283 7.03 5.30 -1.42
C GLY B 283 7.93 5.45 -0.21
N ILE B 284 8.64 4.39 0.17
CA ILE B 284 9.55 4.49 1.32
C ILE B 284 10.68 5.47 1.00
N ILE B 285 11.26 5.38 -0.19
CA ILE B 285 12.32 6.29 -0.59
C ILE B 285 11.82 7.73 -0.58
N GLY B 286 10.62 7.95 -1.12
CA GLY B 286 10.03 9.29 -1.11
C GLY B 286 9.73 9.78 0.28
N LEU B 287 9.23 8.89 1.15
CA LEU B 287 9.02 9.26 2.55
C LEU B 287 10.32 9.71 3.20
N GLY B 288 11.40 8.96 2.96
CA GLY B 288 12.70 9.37 3.49
C GLY B 288 13.06 10.77 3.06
N ALA B 289 12.88 11.08 1.78
CA ALA B 289 13.18 12.42 1.29
C ALA B 289 12.28 13.48 1.92
N ALA B 290 11.03 13.14 2.24
CA ALA B 290 10.14 14.10 2.87
C ALA B 290 10.60 14.42 4.28
N LEU B 291 11.03 13.40 5.02
CA LEU B 291 11.56 13.65 6.36
C LEU B 291 12.81 14.52 6.31
N GLU B 292 13.72 14.23 5.36
CA GLU B 292 14.90 15.08 5.17
C GLU B 292 14.50 16.51 4.88
N TYR B 293 13.53 16.70 3.98
CA TYR B 293 13.12 18.05 3.58
C TYR B 293 12.56 18.81 4.77
N VAL B 294 11.66 18.19 5.53
CA VAL B 294 11.03 18.86 6.66
C VAL B 294 12.07 19.18 7.74
N SER B 295 12.97 18.22 8.02
CA SER B 295 13.99 18.43 9.05
C SER B 295 14.96 19.55 8.66
N ALA B 296 15.24 19.71 7.37
CA ALA B 296 16.14 20.79 6.94
C ALA B 296 15.48 22.16 7.10
N LEU B 297 14.16 22.25 6.91
CA LEU B 297 13.46 23.50 7.18
C LEU B 297 13.44 23.79 8.69
N GLY B 298 13.22 22.76 9.49
CA GLY B 298 13.15 22.91 10.94
C GLY B 298 11.73 22.95 11.41
N LEU B 299 11.32 21.96 12.20
CA LEU B 299 9.92 21.88 12.60
C LEU B 299 9.53 23.04 13.53
N ASN B 300 10.48 23.57 14.31
CA ASN B 300 10.15 24.74 15.13
C ASN B 300 10.01 25.99 14.27
N ASN B 301 10.77 26.08 13.17
CA ASN B 301 10.56 27.17 12.22
C ASN B 301 9.22 27.04 11.52
N ILE B 302 8.88 25.83 11.09
CA ILE B 302 7.57 25.56 10.48
C ILE B 302 6.46 25.96 11.45
N ALA B 303 6.56 25.51 12.71
CA ALA B 303 5.53 25.81 13.70
C ALA B 303 5.35 27.30 13.91
N GLU B 304 6.45 28.06 13.94
CA GLU B 304 6.34 29.50 14.14
C GLU B 304 5.64 30.17 12.97
N TYR B 305 6.04 29.83 11.75
CA TYR B 305 5.41 30.42 10.57
C TYR B 305 3.92 30.09 10.52
N GLU B 306 3.57 28.81 10.75
CA GLU B 306 2.17 28.41 10.65
C GLU B 306 1.33 29.07 11.74
N GLN B 307 1.87 29.21 12.94
CA GLN B 307 1.10 29.85 14.02
C GLN B 307 0.81 31.30 13.69
N ASN B 308 1.79 32.02 13.16
CA ASN B 308 1.55 33.41 12.79
C ASN B 308 0.54 33.51 11.66
N LEU B 309 0.62 32.60 10.68
CA LEU B 309 -0.35 32.57 9.60
C LEU B 309 -1.75 32.30 10.14
N MET B 310 -1.87 31.36 11.06
CA MET B 310 -3.16 31.06 11.68
C MET B 310 -3.72 32.28 12.40
N HIS B 311 -2.88 32.98 13.18
CA HIS B 311 -3.33 34.18 13.87
C HIS B 311 -3.82 35.22 12.89
N TYR B 312 -3.11 35.39 11.77
CA TYR B 312 -3.54 36.35 10.76
C TYR B 312 -4.88 35.94 10.16
N ALA B 313 -5.03 34.66 9.84
CA ALA B 313 -6.27 34.17 9.23
C ALA B 313 -7.46 34.38 10.15
N LEU B 314 -7.30 34.04 11.44
CA LEU B 314 -8.42 34.18 12.37
C LEU B 314 -8.77 35.65 12.56
N SER B 315 -7.78 36.53 12.58
CA SER B 315 -8.06 37.95 12.70
C SER B 315 -8.80 38.48 11.48
N GLN B 316 -8.40 38.04 10.29
CA GLN B 316 -9.05 38.52 9.07
C GLN B 316 -10.45 37.93 8.90
N LEU B 317 -10.67 36.69 9.34
CA LEU B 317 -11.98 36.07 9.21
C LEU B 317 -13.03 36.75 10.06
N GLU B 318 -12.64 37.59 11.03
CA GLU B 318 -13.61 38.33 11.82
C GLU B 318 -14.41 39.31 10.97
N SER B 319 -13.93 39.65 9.77
CA SER B 319 -14.62 40.58 8.89
C SER B 319 -15.61 39.90 7.95
N VAL B 320 -15.89 38.62 8.16
CA VAL B 320 -16.83 37.88 7.31
C VAL B 320 -18.17 37.80 8.04
N PRO B 321 -19.24 38.37 7.48
CA PRO B 321 -20.55 38.26 8.13
C PRO B 321 -21.07 36.83 8.09
N ASP B 322 -21.80 36.46 9.15
CA ASP B 322 -22.52 35.19 9.25
C ASP B 322 -21.61 33.98 9.29
N LEU B 323 -20.33 34.16 9.62
CA LEU B 323 -19.38 33.06 9.65
C LEU B 323 -19.35 32.42 11.04
N THR B 324 -19.55 31.11 11.09
CA THR B 324 -19.40 30.34 12.32
C THR B 324 -18.10 29.56 12.23
N LEU B 325 -17.22 29.74 13.23
CA LEU B 325 -16.02 28.94 13.37
C LEU B 325 -16.24 27.88 14.45
N TYR B 326 -15.59 26.73 14.28
CA TYR B 326 -15.65 25.63 15.23
C TYR B 326 -14.23 25.30 15.68
N GLY B 327 -14.04 25.15 16.99
CA GLY B 327 -12.73 24.82 17.51
C GLY B 327 -12.16 25.87 18.44
N PRO B 328 -11.05 25.54 19.09
CA PRO B 328 -10.48 26.44 20.10
C PRO B 328 -9.64 27.54 19.46
N GLN B 329 -9.28 28.52 20.29
CA GLN B 329 -8.50 29.65 19.81
C GLN B 329 -7.09 29.23 19.39
N ASN B 330 -6.50 28.28 20.10
CA ASN B 330 -5.15 27.79 19.82
C ASN B 330 -5.12 26.62 18.85
N ARG B 331 -5.97 26.64 17.83
CA ARG B 331 -6.03 25.55 16.86
C ARG B 331 -4.74 25.45 16.05
N LEU B 332 -4.42 24.22 15.63
CA LEU B 332 -3.29 23.94 14.77
C LEU B 332 -3.77 23.51 13.38
N GLY B 333 -3.24 24.17 12.35
CA GLY B 333 -3.33 23.63 11.01
C GLY B 333 -4.59 23.90 10.22
N VAL B 334 -5.76 23.79 10.84
CA VAL B 334 -7.03 23.84 10.10
C VAL B 334 -8.01 24.79 10.77
N ILE B 335 -8.88 25.37 9.95
CA ILE B 335 -9.99 26.20 10.41
C ILE B 335 -11.29 25.57 9.88
N ALA B 336 -12.13 25.10 10.79
CA ALA B 336 -13.43 24.57 10.42
C ALA B 336 -14.48 25.66 10.52
N PHE B 337 -15.36 25.74 9.52
CA PHE B 337 -16.33 26.83 9.52
C PHE B 337 -17.56 26.45 8.70
N ASN B 338 -18.64 27.20 8.92
CA ASN B 338 -19.80 27.22 8.04
C ASN B 338 -20.21 28.66 7.83
N LEU B 339 -20.86 28.93 6.70
CA LEU B 339 -21.28 30.28 6.34
C LEU B 339 -22.80 30.35 6.37
N GLY B 340 -23.34 31.11 7.32
CA GLY B 340 -24.78 31.28 7.41
C GLY B 340 -25.50 29.94 7.44
N LYS B 341 -26.61 29.87 6.69
CA LYS B 341 -27.36 28.64 6.54
C LYS B 341 -26.99 27.89 5.28
N HIS B 342 -25.97 28.34 4.58
CA HIS B 342 -25.61 27.75 3.29
C HIS B 342 -24.98 26.37 3.49
N HIS B 343 -25.28 25.49 2.54
CA HIS B 343 -24.68 24.16 2.57
C HIS B 343 -23.17 24.25 2.38
N ALA B 344 -22.43 23.51 3.21
CA ALA B 344 -20.97 23.51 3.11
C ALA B 344 -20.51 23.22 1.69
N TYR B 345 -21.14 22.24 1.01
CA TYR B 345 -20.69 21.89 -0.33
C TYR B 345 -20.86 23.06 -1.30
N ASP B 346 -21.90 23.87 -1.10
CA ASP B 346 -22.10 25.04 -1.96
C ASP B 346 -21.04 26.10 -1.70
N VAL B 347 -20.72 26.35 -0.44
CA VAL B 347 -19.63 27.28 -0.11
C VAL B 347 -18.33 26.81 -0.77
N GLY B 348 -18.03 25.51 -0.64
CA GLY B 348 -16.79 25.00 -1.23
C GLY B 348 -16.78 25.09 -2.74
N SER B 349 -17.94 24.86 -3.38
CA SER B 349 -18.02 24.94 -4.84
C SER B 349 -17.79 26.36 -5.32
N PHE B 350 -18.37 27.35 -4.64
CA PHE B 350 -18.13 28.73 -5.01
C PHE B 350 -16.67 29.10 -4.83
N LEU B 351 -16.06 28.72 -3.70
CA LEU B 351 -14.64 29.01 -3.51
C LEU B 351 -13.80 28.38 -4.62
N ASP B 352 -14.17 27.18 -5.07
CA ASP B 352 -13.43 26.52 -6.15
C ASP B 352 -13.50 27.33 -7.43
N ASN B 353 -14.63 27.99 -7.68
CA ASN B 353 -14.76 28.94 -8.79
C ASN B 353 -13.71 30.05 -8.71
N TYR B 354 -13.31 30.43 -7.50
CA TYR B 354 -12.32 31.47 -7.32
C TYR B 354 -10.89 30.92 -7.26
N GLY B 355 -10.72 29.63 -7.59
CA GLY B 355 -9.42 29.00 -7.55
C GLY B 355 -8.96 28.53 -6.19
N ILE B 356 -9.85 28.50 -5.20
CA ILE B 356 -9.51 28.20 -3.82
C ILE B 356 -10.01 26.79 -3.49
N ALA B 357 -9.10 25.94 -3.03
CA ALA B 357 -9.42 24.54 -2.72
C ALA B 357 -9.58 24.38 -1.21
N VAL B 358 -10.81 24.12 -0.76
CA VAL B 358 -11.10 23.72 0.61
C VAL B 358 -11.83 22.38 0.57
N ARG B 359 -11.98 21.77 1.74
CA ARG B 359 -12.70 20.51 1.84
C ARG B 359 -14.02 20.74 2.56
N THR B 360 -15.05 20.02 2.13
CA THR B 360 -16.39 20.08 2.72
C THR B 360 -16.82 18.66 3.05
N GLY B 361 -17.89 18.54 3.80
CA GLY B 361 -18.42 17.25 4.20
C GLY B 361 -18.26 17.00 5.68
N HIS B 362 -18.28 15.72 6.04
CA HIS B 362 -18.13 15.33 7.44
C HIS B 362 -16.69 15.02 7.84
N HIS B 363 -15.75 15.04 6.88
CA HIS B 363 -14.31 14.87 7.17
C HIS B 363 -13.95 13.61 7.95
N CSS B 364 -14.69 12.54 7.70
CA CSS B 364 -14.49 11.26 8.39
CB CSS B 364 -13.12 10.64 8.09
SG CSS B 364 -12.75 10.64 6.32
SD CSS B 364 -14.26 9.62 5.32
C CSS B 364 -14.63 11.44 9.91
O CSS B 364 -13.95 10.80 10.65
N ALA B 365 -15.54 12.31 10.33
CA ALA B 365 -15.73 12.56 11.75
C ALA B 365 -17.19 12.85 12.04
N MET B 366 -18.06 11.92 11.63
CA MET B 366 -19.49 12.08 11.81
C MET B 366 -19.91 12.27 13.27
N PRO B 367 -19.31 11.59 14.26
CA PRO B 367 -19.70 11.90 15.65
C PRO B 367 -19.40 13.33 16.06
N LEU B 368 -18.30 13.90 15.54
CA LEU B 368 -18.01 15.31 15.79
C LEU B 368 -19.07 16.20 15.16
N MET B 369 -19.46 15.92 13.92
CA MET B 369 -20.52 16.70 13.28
C MET B 369 -21.81 16.63 14.08
N ALA B 370 -22.16 15.43 14.54
CA ALA B 370 -23.38 15.27 15.32
C ALA B 370 -23.35 16.08 16.61
N TYR B 371 -22.17 16.15 17.25
CA TYR B 371 -22.05 16.96 18.47
C TYR B 371 -22.40 18.41 18.20
N TYR B 372 -21.90 18.96 17.09
CA TYR B 372 -22.18 20.34 16.74
C TYR B 372 -23.52 20.51 16.03
N ASN B 373 -24.29 19.43 15.89
CA ASN B 373 -25.64 19.47 15.30
C ASN B 373 -25.63 20.06 13.90
N VAL B 374 -24.64 19.66 13.10
CA VAL B 374 -24.56 20.06 11.69
C VAL B 374 -24.26 18.81 10.86
N PRO B 375 -24.66 18.76 9.59
CA PRO B 375 -24.27 17.61 8.76
C PRO B 375 -22.85 17.69 8.24
N ALA B 376 -22.27 18.88 8.14
CA ALA B 376 -21.00 19.06 7.46
C ALA B 376 -20.38 20.37 7.90
N MET B 377 -19.09 20.53 7.57
CA MET B 377 -18.37 21.78 7.77
C MET B 377 -17.46 21.99 6.57
N CYS B 378 -17.12 23.26 6.34
CA CYS B 378 -15.98 23.58 5.48
C CYS B 378 -14.70 23.53 6.31
N ARG B 379 -13.59 23.24 5.65
CA ARG B 379 -12.29 23.18 6.34
C ARG B 379 -11.22 23.77 5.45
N ALA B 380 -10.59 24.85 5.91
CA ALA B 380 -9.42 25.42 5.25
C ALA B 380 -8.17 25.03 6.01
N SER B 381 -7.18 24.51 5.29
CA SER B 381 -5.88 24.15 5.86
C SER B 381 -4.88 25.26 5.56
N LEU B 382 -4.05 25.59 6.55
CA LEU B 382 -3.03 26.62 6.43
C LEU B 382 -1.68 25.98 6.70
N ALA B 383 -1.03 25.52 5.63
CA ALA B 383 0.21 24.77 5.71
C ALA B 383 1.40 25.70 5.52
N MET B 384 2.60 25.12 5.57
CA MET B 384 3.82 25.93 5.57
C MET B 384 4.08 26.62 4.24
N TYR B 385 3.46 26.16 3.15
CA TYR B 385 3.58 26.84 1.86
C TYR B 385 2.43 27.79 1.56
N ASN B 386 1.49 27.96 2.48
CA ASN B 386 0.42 28.94 2.25
C ASN B 386 0.83 30.32 2.74
N THR B 387 0.12 31.34 2.26
CA THR B 387 0.53 32.73 2.40
C THR B 387 -0.61 33.62 2.88
N HIS B 388 -0.25 34.83 3.33
CA HIS B 388 -1.24 35.84 3.67
C HIS B 388 -2.14 36.18 2.50
N GLU B 389 -1.59 36.18 1.27
CA GLU B 389 -2.40 36.52 0.10
C GLU B 389 -3.47 35.47 -0.16
N GLU B 390 -3.18 34.21 0.14
CA GLU B 390 -4.19 33.17 0.00
C GLU B 390 -5.28 33.31 1.06
N VAL B 391 -4.89 33.63 2.29
CA VAL B 391 -5.87 33.93 3.33
C VAL B 391 -6.79 35.07 2.87
N ASP B 392 -6.19 36.12 2.31
CA ASP B 392 -6.98 37.26 1.83
C ASP B 392 -7.99 36.84 0.77
N ARG B 393 -7.60 35.91 -0.11
CA ARG B 393 -8.53 35.43 -1.13
C ARG B 393 -9.67 34.62 -0.52
N LEU B 394 -9.37 33.84 0.52
CA LEU B 394 -10.41 33.11 1.22
C LEU B 394 -11.41 34.08 1.84
N VAL B 395 -10.91 35.12 2.52
CA VAL B 395 -11.79 36.09 3.19
C VAL B 395 -12.65 36.82 2.16
N THR B 396 -12.04 37.28 1.07
CA THR B 396 -12.79 37.98 0.04
C THR B 396 -13.83 37.07 -0.61
N GLY B 397 -13.47 35.81 -0.83
CA GLY B 397 -14.40 34.87 -1.41
C GLY B 397 -15.60 34.59 -0.52
N LEU B 398 -15.36 34.40 0.79
CA LEU B 398 -16.48 34.21 1.71
C LEU B 398 -17.39 35.44 1.76
N GLN B 399 -16.79 36.64 1.75
CA GLN B 399 -17.58 37.86 1.71
C GLN B 399 -18.42 37.93 0.43
N ARG B 400 -17.85 37.48 -0.69
CA ARG B 400 -18.59 37.47 -1.95
C ARG B 400 -19.76 36.50 -1.91
N ILE B 401 -19.54 35.30 -1.37
CA ILE B 401 -20.61 34.32 -1.30
C ILE B 401 -21.75 34.82 -0.42
N HIS B 402 -21.41 35.45 0.71
CA HIS B 402 -22.42 36.02 1.58
C HIS B 402 -23.23 37.10 0.86
N ARG B 403 -22.56 37.93 0.07
CA ARG B 403 -23.25 38.97 -0.69
CA ARG B 403 -23.26 38.97 -0.68
C ARG B 403 -24.14 38.36 -1.77
N LEU B 404 -23.63 37.38 -2.51
CA LEU B 404 -24.38 36.82 -3.63
C LEU B 404 -25.56 35.98 -3.16
N LEU B 405 -25.37 35.15 -2.13
CA LEU B 405 -26.38 34.18 -1.74
C LEU B 405 -27.21 34.59 -0.54
N GLY B 406 -26.83 35.65 0.17
CA GLY B 406 -27.55 36.08 1.34
C GLY B 406 -26.87 35.66 2.64
N1 PLP C . 2.44 -15.11 -6.60
C2 PLP C . 3.35 -15.19 -7.56
C2A PLP C . 3.26 -16.31 -8.59
C3 PLP C . 4.36 -14.24 -7.62
O3 PLP C . 5.31 -14.33 -8.63
C4 PLP C . 4.39 -13.24 -6.67
C4A PLP C . 5.49 -12.17 -6.70
C5 PLP C . 3.42 -13.19 -5.67
C6 PLP C . 2.45 -14.17 -5.68
C5A PLP C . 3.43 -12.10 -4.59
O4P PLP C . 3.20 -10.84 -5.18
P PLP C . 3.43 -9.48 -4.27
O1P PLP C . 2.44 -9.45 -3.14
O2P PLP C . 3.17 -8.30 -5.16
O3P PLP C . 4.84 -9.45 -3.73
N1 PLP D . -6.63 10.03 11.40
C2 PLP D . -6.44 11.31 11.19
C2A PLP D . -6.47 12.32 12.36
C3 PLP D . -6.21 11.77 9.91
O3 PLP D . -6.02 13.14 9.69
C4 PLP D . -6.17 10.86 8.86
C4A PLP D . -5.92 11.34 7.44
C5 PLP D . -6.38 9.51 9.12
C6 PLP D . -6.60 9.13 10.44
C5A PLP D . -6.35 8.47 8.00
O4P PLP D . -5.06 8.42 7.45
P PLP D . -4.87 7.60 6.04
O1P PLP D . -5.10 6.14 6.33
O2P PLP D . -3.49 7.81 5.50
O3P PLP D . -5.90 8.07 5.06
#